data_6MZ0
#
_entry.id   6MZ0
#
_cell.length_a   49.883
_cell.length_b   105.177
_cell.length_c   193.443
_cell.angle_alpha   90.00
_cell.angle_beta   90.00
_cell.angle_gamma   90.00
#
_symmetry.space_group_name_H-M   'P 21 21 21'
#
loop_
_entity.id
_entity.type
_entity.pdbx_description
1 polymer 'Tyrosyl-DNA phosphodiesterase 1'
2 non-polymer '5-hydroxypyrazine-2,3-dicarboxylic acid'
3 non-polymer 1,2-ETHANEDIOL
4 water water
#
_entity_poly.entity_id   1
_entity_poly.type   'polypeptide(L)'
_entity_poly.pdbx_seq_one_letter_code
;SGEGQDIWDMLDKGNPFQFYLTRVSGVKPKYNSGALHIKDILSPLFGTLVSSAQFNYCFDVDWLVKQYPPEFRKKPILLV
HGDKREAKAHLHAQAKPYENISLCQAKLDIAFGTHHTKMMLLLYEEGLRVVIHTSNLIHADWHQKTQGIWLSPLYPRIAD
GTHKSGESPTHFKADLISYLMAYNAPSLKEWIDVIHKHDLSETNVYLIGSTPGRFQGSQKDNWGHFRLKKLLKDHASSMP
NAESWPVVGQFSSVGSLGADESKWLCSEFKESMLTLGKESKTPGKSSVPLYLIYPSVENVRTSLEGYPAGGSLPYSIQTA
EKQNWLHSYFHKWSAETSGRSNAMPHIKTYMRPSPDFSKIAWFLVTSANLSKAAWGALEKNGTQLMIRSYELGVLFLPSA
FGLDSFKVKQKFFAGSQEPMATFPVPYDLPPELYGSKDRPWIWNIPYVKAPDTHGNMWVPS
;
_entity_poly.pdbx_strand_id   A,B
#
# COMPACT_ATOMS: atom_id res chain seq x y z
N ASN A 15 -19.99 -12.17 -6.65
CA ASN A 15 -18.97 -11.39 -7.35
C ASN A 15 -18.19 -10.51 -6.39
N PRO A 16 -16.88 -10.39 -6.60
CA PRO A 16 -16.08 -9.49 -5.77
C PRO A 16 -16.10 -8.04 -6.22
N PHE A 17 -16.62 -7.73 -7.42
CA PHE A 17 -16.33 -6.41 -7.96
C PHE A 17 -17.30 -5.35 -7.47
N GLN A 18 -18.56 -5.70 -7.21
CA GLN A 18 -19.55 -4.73 -6.73
C GLN A 18 -19.69 -3.56 -7.69
N PHE A 19 -19.64 -3.88 -8.99
CA PHE A 19 -19.84 -2.92 -10.06
C PHE A 19 -21.24 -3.12 -10.61
N TYR A 20 -22.04 -2.05 -10.62
CA TYR A 20 -23.45 -2.15 -10.99
C TYR A 20 -23.79 -1.13 -12.08
N LEU A 21 -24.83 -1.44 -12.85
CA LEU A 21 -25.47 -0.42 -13.68
C LEU A 21 -26.76 0.04 -13.01
N THR A 22 -27.18 1.25 -13.35
CA THR A 22 -28.49 1.72 -12.90
C THR A 22 -29.60 0.98 -13.66
N ARG A 23 -30.77 0.94 -13.04
CA ARG A 23 -31.94 0.34 -13.68
C ARG A 23 -32.40 1.19 -14.85
N VAL A 24 -32.88 0.55 -15.90
CA VAL A 24 -33.32 1.24 -17.12
C VAL A 24 -34.78 0.90 -17.37
N SER A 25 -35.63 1.93 -17.37
N SER A 25 -35.62 1.93 -17.38
CA SER A 25 -37.05 1.73 -17.64
CA SER A 25 -37.05 1.74 -17.63
C SER A 25 -37.25 1.36 -19.10
C SER A 25 -37.28 1.38 -19.09
N GLY A 26 -37.87 0.21 -19.34
CA GLY A 26 -38.21 -0.20 -20.68
C GLY A 26 -37.50 -1.44 -21.17
N VAL A 27 -36.45 -1.92 -20.50
CA VAL A 27 -35.81 -3.16 -20.88
C VAL A 27 -36.51 -4.31 -20.16
N LYS A 28 -36.30 -5.52 -20.65
CA LYS A 28 -36.90 -6.68 -20.04
C LYS A 28 -36.33 -6.89 -18.63
N PRO A 29 -37.09 -7.56 -17.76
CA PRO A 29 -36.62 -7.71 -16.36
C PRO A 29 -35.25 -8.34 -16.23
N LYS A 30 -34.87 -9.27 -17.12
CA LYS A 30 -33.57 -9.90 -17.02
C LYS A 30 -32.41 -8.91 -17.13
N TYR A 31 -32.64 -7.74 -17.73
CA TYR A 31 -31.60 -6.72 -17.85
C TYR A 31 -31.62 -5.71 -16.71
N ASN A 32 -32.60 -5.79 -15.82
CA ASN A 32 -32.58 -5.03 -14.58
C ASN A 32 -32.34 -5.90 -13.35
N SER A 33 -32.30 -7.22 -13.51
CA SER A 33 -31.96 -8.12 -12.42
C SER A 33 -30.50 -7.91 -12.04
N GLY A 34 -30.26 -7.36 -10.86
CA GLY A 34 -28.91 -7.01 -10.50
C GLY A 34 -28.51 -5.59 -10.83
N ALA A 35 -29.39 -4.81 -11.46
CA ALA A 35 -29.17 -3.37 -11.56
C ALA A 35 -29.71 -2.69 -10.31
N LEU A 36 -29.32 -1.44 -10.11
CA LEU A 36 -29.66 -0.69 -8.90
C LEU A 36 -30.25 0.66 -9.27
N HIS A 37 -31.45 0.92 -8.77
CA HIS A 37 -31.99 2.27 -8.77
C HIS A 37 -31.52 2.99 -7.51
N ILE A 38 -31.58 4.32 -7.54
CA ILE A 38 -31.16 5.09 -6.36
C ILE A 38 -32.00 4.73 -5.13
N LYS A 39 -33.29 4.43 -5.32
CA LYS A 39 -34.11 3.98 -4.18
C LYS A 39 -33.55 2.71 -3.57
N ASP A 40 -33.03 1.79 -4.39
CA ASP A 40 -32.39 0.59 -3.86
C ASP A 40 -31.17 0.95 -3.02
N ILE A 41 -30.33 1.86 -3.52
CA ILE A 41 -29.09 2.24 -2.83
C ILE A 41 -29.41 2.81 -1.45
N LEU A 42 -30.49 3.58 -1.35
CA LEU A 42 -30.84 4.26 -0.10
C LEU A 42 -31.80 3.45 0.77
N SER A 43 -32.24 2.29 0.31
CA SER A 43 -33.15 1.41 1.03
C SER A 43 -32.66 1.09 2.44
N PRO A 44 -33.57 0.84 3.40
N PRO A 44 -33.57 0.84 3.40
CA PRO A 44 -33.13 0.39 4.73
CA PRO A 44 -33.13 0.39 4.73
C PRO A 44 -32.39 -0.95 4.68
C PRO A 44 -32.39 -0.93 4.68
N LEU A 45 -32.56 -1.73 3.62
CA LEU A 45 -31.84 -2.98 3.48
C LEU A 45 -30.33 -2.78 3.36
N PHE A 46 -29.88 -1.61 2.90
CA PHE A 46 -28.44 -1.33 2.81
C PHE A 46 -27.88 -0.77 4.11
N GLY A 47 -28.72 -0.34 5.03
CA GLY A 47 -28.27 0.19 6.29
C GLY A 47 -29.30 1.13 6.87
N THR A 48 -29.20 1.36 8.20
CA THR A 48 -30.11 2.27 8.88
C THR A 48 -29.48 3.65 8.86
N LEU A 49 -30.00 4.52 7.99
CA LEU A 49 -29.32 5.77 7.68
C LEU A 49 -29.34 6.72 8.86
N VAL A 50 -28.18 7.30 9.15
CA VAL A 50 -28.04 8.35 10.15
C VAL A 50 -27.79 9.70 9.51
N SER A 51 -26.92 9.75 8.51
N SER A 51 -26.92 9.75 8.50
CA SER A 51 -26.68 10.98 7.76
CA SER A 51 -26.53 10.98 7.82
C SER A 51 -26.03 10.60 6.44
C SER A 51 -25.98 10.61 6.46
N SER A 52 -26.06 11.54 5.50
CA SER A 52 -25.50 11.27 4.19
C SER A 52 -24.94 12.54 3.56
N ALA A 53 -23.96 12.35 2.69
CA ALA A 53 -23.37 13.40 1.88
C ALA A 53 -23.57 13.04 0.42
N GLN A 54 -24.11 13.97 -0.36
CA GLN A 54 -24.35 13.78 -1.80
C GLN A 54 -23.43 14.74 -2.56
N PHE A 55 -22.33 14.19 -3.08
CA PHE A 55 -21.42 14.90 -3.97
C PHE A 55 -21.96 14.78 -5.38
N ASN A 56 -22.14 15.90 -6.07
CA ASN A 56 -22.64 15.79 -7.43
C ASN A 56 -22.45 17.11 -8.15
N TYR A 57 -22.91 17.13 -9.40
CA TYR A 57 -22.84 18.27 -10.28
C TYR A 57 -24.17 18.97 -10.43
N CYS A 58 -25.21 18.21 -10.78
N CYS A 58 -25.22 18.21 -10.76
CA CYS A 58 -26.57 18.72 -10.96
CA CYS A 58 -26.55 18.77 -10.94
C CYS A 58 -27.50 18.06 -9.96
C CYS A 58 -27.52 18.06 -10.00
N PHE A 59 -28.43 18.85 -9.42
CA PHE A 59 -29.32 18.40 -8.35
C PHE A 59 -30.76 18.83 -8.63
N ASP A 60 -31.71 17.91 -8.46
CA ASP A 60 -33.14 18.23 -8.31
C ASP A 60 -33.48 17.84 -6.89
N VAL A 61 -33.55 18.82 -5.99
CA VAL A 61 -33.59 18.49 -4.57
C VAL A 61 -34.92 17.84 -4.20
N ASP A 62 -36.03 18.34 -4.75
N ASP A 62 -36.02 18.35 -4.76
CA ASP A 62 -37.33 17.74 -4.50
CA ASP A 62 -37.33 17.76 -4.52
C ASP A 62 -37.33 16.26 -4.87
C ASP A 62 -37.35 16.28 -4.89
N TRP A 63 -36.81 15.95 -6.07
CA TRP A 63 -36.72 14.55 -6.49
C TRP A 63 -35.80 13.76 -5.57
N LEU A 64 -34.67 14.35 -5.19
CA LEU A 64 -33.66 13.62 -4.43
C LEU A 64 -34.21 13.17 -3.08
N VAL A 65 -34.90 14.07 -2.36
CA VAL A 65 -35.44 13.70 -1.05
C VAL A 65 -36.46 12.57 -1.18
N LYS A 66 -37.28 12.61 -2.24
CA LYS A 66 -38.23 11.53 -2.48
C LYS A 66 -37.57 10.17 -2.71
N GLN A 67 -36.28 10.12 -3.09
CA GLN A 67 -35.61 8.83 -3.29
C GLN A 67 -35.16 8.18 -1.98
N TYR A 68 -35.05 8.96 -0.92
CA TYR A 68 -34.78 8.39 0.39
C TYR A 68 -36.05 7.70 0.89
N PRO A 69 -35.92 6.64 1.68
CA PRO A 69 -37.08 6.03 2.33
C PRO A 69 -37.76 7.04 3.24
N PRO A 70 -39.10 7.03 3.31
CA PRO A 70 -39.79 8.07 4.09
C PRO A 70 -39.27 8.21 5.51
N GLU A 71 -38.95 7.09 6.16
CA GLU A 71 -38.44 7.14 7.54
C GLU A 71 -37.06 7.77 7.64
N PHE A 72 -36.36 7.98 6.53
CA PHE A 72 -35.02 8.56 6.55
C PHE A 72 -34.97 9.97 5.98
N ARG A 73 -36.11 10.52 5.56
CA ARG A 73 -36.07 11.74 4.76
C ARG A 73 -35.77 12.98 5.55
N LYS A 74 -35.80 12.92 6.88
CA LYS A 74 -35.43 14.06 7.70
C LYS A 74 -34.05 13.90 8.31
N LYS A 75 -33.37 12.79 8.05
CA LYS A 75 -31.96 12.69 8.44
C LYS A 75 -31.14 13.74 7.71
N PRO A 76 -30.05 14.21 8.31
CA PRO A 76 -29.23 15.26 7.68
C PRO A 76 -28.68 14.81 6.32
N ILE A 77 -28.63 15.77 5.40
CA ILE A 77 -28.10 15.59 4.06
C ILE A 77 -27.17 16.76 3.78
N LEU A 78 -25.98 16.47 3.27
CA LEU A 78 -25.04 17.49 2.83
C LEU A 78 -24.92 17.40 1.32
N LEU A 79 -25.19 18.49 0.63
CA LEU A 79 -25.03 18.53 -0.82
C LEU A 79 -23.72 19.23 -1.12
N VAL A 80 -22.82 18.53 -1.80
CA VAL A 80 -21.52 19.08 -2.20
C VAL A 80 -21.58 19.39 -3.68
N HIS A 81 -21.41 20.68 -4.03
CA HIS A 81 -21.64 21.17 -5.38
C HIS A 81 -20.57 22.20 -5.72
N GLY A 82 -20.56 22.67 -6.97
CA GLY A 82 -19.60 23.69 -7.36
C GLY A 82 -20.24 24.96 -7.90
N ASP A 83 -21.54 25.14 -7.66
CA ASP A 83 -22.29 26.25 -8.25
C ASP A 83 -21.93 27.60 -7.63
N LYS A 84 -21.99 28.65 -8.45
CA LYS A 84 -21.68 30.00 -8.03
C LYS A 84 -22.80 30.93 -8.47
N ARG A 85 -22.81 32.13 -7.88
CA ARG A 85 -23.61 33.27 -8.34
C ARG A 85 -25.08 32.84 -8.42
N GLU A 86 -25.76 33.02 -9.56
CA GLU A 86 -27.20 32.74 -9.60
C GLU A 86 -27.49 31.25 -9.50
N ALA A 87 -26.64 30.42 -10.12
CA ALA A 87 -26.77 28.97 -9.98
C ALA A 87 -26.75 28.55 -8.52
N LYS A 88 -25.81 29.08 -7.75
CA LYS A 88 -25.76 28.78 -6.32
C LYS A 88 -27.03 29.20 -5.62
N ALA A 89 -27.50 30.42 -5.90
CA ALA A 89 -28.74 30.88 -5.29
C ALA A 89 -29.91 29.96 -5.67
N HIS A 90 -29.94 29.50 -6.93
CA HIS A 90 -31.00 28.58 -7.32
C HIS A 90 -30.96 27.29 -6.50
N LEU A 91 -29.76 26.74 -6.31
CA LEU A 91 -29.63 25.52 -5.53
C LEU A 91 -30.06 25.74 -4.08
N HIS A 92 -29.64 26.86 -3.48
CA HIS A 92 -30.05 27.14 -2.10
C HIS A 92 -31.57 27.26 -2.00
N ALA A 93 -32.21 27.89 -2.99
CA ALA A 93 -33.67 27.97 -3.01
C ALA A 93 -34.30 26.58 -3.07
N GLN A 94 -33.70 25.66 -3.84
CA GLN A 94 -34.22 24.29 -3.91
C GLN A 94 -34.23 23.62 -2.56
N ALA A 95 -33.16 23.79 -1.79
CA ALA A 95 -32.98 23.09 -0.52
C ALA A 95 -33.68 23.78 0.64
N LYS A 96 -34.04 25.05 0.50
CA LYS A 96 -34.58 25.79 1.65
C LYS A 96 -35.79 25.13 2.30
N PRO A 97 -36.74 24.49 1.60
CA PRO A 97 -37.87 23.86 2.31
C PRO A 97 -37.49 22.70 3.21
N TYR A 98 -36.29 22.16 3.10
CA TYR A 98 -35.86 20.98 3.88
C TYR A 98 -34.83 21.43 4.92
N GLU A 99 -35.28 21.55 6.17
CA GLU A 99 -34.41 22.08 7.22
C GLU A 99 -33.18 21.20 7.43
N ASN A 100 -33.25 19.91 7.09
CA ASN A 100 -32.15 18.98 7.34
C ASN A 100 -31.07 18.99 6.26
N ILE A 101 -31.19 19.82 5.23
CA ILE A 101 -30.23 19.83 4.13
C ILE A 101 -29.26 20.99 4.31
N SER A 102 -27.97 20.68 4.38
N SER A 102 -27.97 20.68 4.36
CA SER A 102 -26.91 21.67 4.34
CA SER A 102 -26.92 21.67 4.33
C SER A 102 -26.20 21.59 2.99
C SER A 102 -26.18 21.59 3.00
N LEU A 103 -25.43 22.64 2.70
CA LEU A 103 -24.72 22.74 1.43
C LEU A 103 -23.26 23.06 1.67
N CYS A 104 -22.41 22.55 0.76
CA CYS A 104 -20.98 22.82 0.75
C CYS A 104 -20.61 23.20 -0.66
N GLN A 105 -20.17 24.46 -0.86
CA GLN A 105 -19.75 24.93 -2.16
C GLN A 105 -18.27 24.63 -2.33
N ALA A 106 -17.96 23.67 -3.19
CA ALA A 106 -16.57 23.30 -3.43
C ALA A 106 -15.87 24.42 -4.17
N LYS A 107 -14.67 24.76 -3.73
CA LYS A 107 -13.97 25.89 -4.34
C LYS A 107 -13.47 25.51 -5.73
N LEU A 108 -13.69 26.41 -6.68
CA LEU A 108 -13.30 26.19 -8.09
C LEU A 108 -12.49 27.41 -8.52
N ASP A 109 -11.22 27.46 -8.10
CA ASP A 109 -10.40 28.65 -8.28
C ASP A 109 -9.69 28.69 -9.63
N ILE A 110 -9.92 27.71 -10.49
CA ILE A 110 -9.41 27.70 -11.86
C ILE A 110 -10.60 27.76 -12.80
N ALA A 111 -10.57 28.69 -13.75
CA ALA A 111 -11.69 28.90 -14.65
C ALA A 111 -12.03 27.63 -15.42
N PHE A 112 -13.31 27.50 -15.78
CA PHE A 112 -13.88 26.41 -16.57
C PHE A 112 -13.89 25.08 -15.85
N GLY A 113 -13.50 25.04 -14.57
CA GLY A 113 -13.59 23.80 -13.82
C GLY A 113 -14.98 23.60 -13.23
N THR A 114 -15.33 22.33 -12.97
CA THR A 114 -16.60 22.06 -12.32
C THR A 114 -16.40 21.03 -11.21
N HIS A 115 -17.37 20.97 -10.31
CA HIS A 115 -17.42 19.90 -9.33
C HIS A 115 -18.21 18.76 -9.94
N HIS A 116 -17.51 17.81 -10.54
CA HIS A 116 -18.12 16.80 -11.38
C HIS A 116 -18.24 15.45 -10.69
N THR A 117 -17.53 15.25 -9.59
CA THR A 117 -17.57 14.03 -8.79
C THR A 117 -18.99 13.63 -8.42
N LYS A 118 -19.29 12.34 -8.56
CA LYS A 118 -20.56 11.76 -8.18
C LYS A 118 -20.32 10.70 -7.12
N MET A 119 -20.65 11.03 -5.87
CA MET A 119 -20.32 10.15 -4.76
C MET A 119 -21.37 10.32 -3.67
N MET A 120 -21.70 9.21 -2.99
CA MET A 120 -22.52 9.27 -1.79
C MET A 120 -21.70 8.75 -0.61
N LEU A 121 -21.74 9.46 0.51
CA LEU A 121 -21.23 8.94 1.77
C LEU A 121 -22.43 8.65 2.65
N LEU A 122 -22.58 7.39 3.06
CA LEU A 122 -23.79 6.94 3.72
C LEU A 122 -23.41 6.43 5.11
N LEU A 123 -23.71 7.24 6.13
CA LEU A 123 -23.41 6.86 7.52
C LEU A 123 -24.63 6.16 8.10
N TYR A 124 -24.44 4.92 8.56
CA TYR A 124 -25.51 4.14 9.16
C TYR A 124 -25.23 3.91 10.65
N GLU A 125 -26.25 3.38 11.33
CA GLU A 125 -26.05 2.85 12.66
C GLU A 125 -25.09 1.67 12.66
N GLU A 126 -25.07 0.91 11.57
CA GLU A 126 -24.30 -0.32 11.46
C GLU A 126 -22.90 -0.12 10.90
N GLY A 127 -22.59 1.04 10.35
CA GLY A 127 -21.28 1.28 9.78
C GLY A 127 -21.34 2.41 8.75
N LEU A 128 -20.52 2.29 7.71
CA LEU A 128 -20.37 3.36 6.72
C LEU A 128 -20.30 2.74 5.33
N ARG A 129 -20.93 3.40 4.35
CA ARG A 129 -20.82 2.95 2.96
C ARG A 129 -20.40 4.12 2.08
N VAL A 130 -19.55 3.83 1.10
CA VAL A 130 -19.15 4.79 0.08
C VAL A 130 -19.71 4.31 -1.25
N VAL A 131 -20.35 5.22 -1.99
CA VAL A 131 -20.89 4.92 -3.32
C VAL A 131 -20.24 5.90 -4.29
N ILE A 132 -19.50 5.38 -5.27
CA ILE A 132 -18.90 6.22 -6.31
C ILE A 132 -19.56 5.84 -7.64
N HIS A 133 -20.18 6.82 -8.30
CA HIS A 133 -21.05 6.50 -9.42
C HIS A 133 -20.94 7.60 -10.48
N THR A 134 -21.85 7.58 -11.47
CA THR A 134 -21.73 8.47 -12.61
C THR A 134 -22.97 9.32 -12.88
N SER A 135 -24.01 9.23 -12.07
CA SER A 135 -25.29 9.88 -12.34
C SER A 135 -25.42 11.22 -11.61
N ASN A 136 -25.99 12.20 -12.32
CA ASN A 136 -26.49 13.40 -11.66
C ASN A 136 -27.72 13.05 -10.81
N LEU A 137 -28.05 13.92 -9.86
CA LEU A 137 -29.17 13.65 -8.99
C LEU A 137 -30.44 14.29 -9.56
N ILE A 138 -30.84 13.79 -10.74
CA ILE A 138 -32.04 14.22 -11.43
C ILE A 138 -32.71 12.99 -12.01
N HIS A 139 -34.04 13.08 -12.17
CA HIS A 139 -34.81 11.92 -12.61
C HIS A 139 -34.24 11.28 -13.89
N ALA A 140 -33.93 12.10 -14.89
CA ALA A 140 -33.56 11.53 -16.19
C ALA A 140 -32.26 10.73 -16.14
N ASP A 141 -31.38 11.02 -15.17
CA ASP A 141 -30.12 10.29 -15.17
C ASP A 141 -30.29 8.86 -14.65
N TRP A 142 -31.41 8.55 -13.99
CA TRP A 142 -31.64 7.21 -13.47
C TRP A 142 -32.79 6.54 -14.19
N HIS A 143 -33.26 7.13 -15.28
CA HIS A 143 -34.45 6.63 -15.98
C HIS A 143 -34.05 5.67 -17.11
N GLN A 144 -33.47 6.19 -18.19
CA GLN A 144 -33.16 5.35 -19.35
C GLN A 144 -31.74 5.54 -19.85
N LYS A 145 -30.79 5.83 -18.95
CA LYS A 145 -29.40 5.97 -19.35
C LYS A 145 -28.60 4.77 -18.86
N THR A 146 -27.47 4.51 -19.52
CA THR A 146 -26.52 3.55 -19.00
C THR A 146 -25.60 4.30 -18.04
N GLN A 147 -25.65 3.94 -16.75
CA GLN A 147 -24.83 4.57 -15.71
C GLN A 147 -24.13 3.50 -14.89
N GLY A 148 -22.99 3.83 -14.29
CA GLY A 148 -22.23 2.88 -13.49
C GLY A 148 -22.20 3.24 -12.02
N ILE A 149 -22.13 2.22 -11.17
CA ILE A 149 -22.07 2.37 -9.72
C ILE A 149 -20.99 1.44 -9.19
N TRP A 150 -20.13 1.93 -8.29
CA TRP A 150 -19.35 1.06 -7.41
C TRP A 150 -19.87 1.20 -5.99
N LEU A 151 -20.22 0.07 -5.36
CA LEU A 151 -20.74 0.00 -3.99
C LEU A 151 -19.66 -0.54 -3.06
N SER A 152 -19.21 0.28 -2.11
CA SER A 152 -18.24 -0.22 -1.14
C SER A 152 -18.90 -1.28 -0.25
N PRO A 153 -18.09 -2.11 0.44
CA PRO A 153 -18.63 -2.94 1.51
C PRO A 153 -19.20 -2.05 2.60
N LEU A 154 -20.04 -2.65 3.46
CA LEU A 154 -20.41 -2.00 4.70
C LEU A 154 -19.18 -1.93 5.60
N TYR A 155 -18.66 -0.73 5.83
CA TYR A 155 -17.45 -0.58 6.64
C TYR A 155 -17.85 -0.51 8.12
N PRO A 156 -17.32 -1.39 8.97
CA PRO A 156 -17.69 -1.33 10.39
C PRO A 156 -16.92 -0.25 11.12
N ARG A 157 -17.52 0.21 12.20
CA ARG A 157 -16.87 1.20 13.07
C ARG A 157 -15.75 0.55 13.87
N ILE A 158 -14.66 1.28 14.06
CA ILE A 158 -13.56 0.78 14.88
C ILE A 158 -13.90 1.05 16.35
N ALA A 159 -13.73 0.04 17.20
CA ALA A 159 -14.09 0.18 18.61
C ALA A 159 -13.33 1.34 19.24
N ASP A 160 -14.05 2.15 20.02
CA ASP A 160 -13.42 3.28 20.71
C ASP A 160 -12.33 2.77 21.65
N GLY A 161 -11.17 3.43 21.62
CA GLY A 161 -10.00 2.96 22.33
C GLY A 161 -9.14 1.97 21.55
N THR A 162 -9.68 1.33 20.52
CA THR A 162 -8.88 0.51 19.64
C THR A 162 -8.06 1.39 18.70
N HIS A 163 -6.78 1.06 18.54
CA HIS A 163 -5.88 1.78 17.63
C HIS A 163 -5.50 0.83 16.50
N LYS A 164 -6.17 0.99 15.37
CA LYS A 164 -5.78 0.30 14.15
C LYS A 164 -5.98 1.26 13.00
N SER A 165 -5.34 0.93 11.87
CA SER A 165 -5.39 1.82 10.73
C SER A 165 -6.77 1.81 10.09
N GLY A 166 -7.36 0.62 9.97
CA GLY A 166 -8.53 0.49 9.11
C GLY A 166 -8.22 0.66 7.63
N GLU A 167 -6.95 0.53 7.27
CA GLU A 167 -6.50 0.78 5.91
C GLU A 167 -6.56 -0.50 5.09
N SER A 168 -6.75 -0.33 3.78
N SER A 168 -6.76 -0.34 3.77
CA SER A 168 -6.80 -1.45 2.85
CA SER A 168 -6.80 -1.45 2.84
C SER A 168 -5.45 -1.63 2.17
C SER A 168 -5.46 -1.62 2.15
N PRO A 169 -5.21 -2.77 1.52
CA PRO A 169 -3.99 -2.90 0.71
C PRO A 169 -3.94 -1.92 -0.46
N THR A 170 -5.07 -1.37 -0.90
CA THR A 170 -5.09 -0.37 -1.95
C THR A 170 -4.95 1.06 -1.43
N HIS A 171 -4.78 1.25 -0.12
CA HIS A 171 -4.61 2.58 0.49
C HIS A 171 -5.86 3.44 0.35
N PHE A 172 -7.03 2.80 0.18
CA PHE A 172 -8.25 3.54 -0.16
C PHE A 172 -8.67 4.49 0.94
N LYS A 173 -8.48 4.11 2.20
CA LYS A 173 -8.94 4.97 3.28
C LYS A 173 -8.16 6.29 3.29
N ALA A 174 -6.83 6.21 3.31
CA ALA A 174 -6.02 7.42 3.25
C ALA A 174 -6.29 8.20 1.97
N ASP A 175 -6.48 7.51 0.85
CA ASP A 175 -6.65 8.20 -0.43
C ASP A 175 -7.97 8.95 -0.48
N LEU A 176 -9.03 8.37 0.10
CA LEU A 176 -10.31 9.06 0.17
C LEU A 176 -10.24 10.25 1.13
N ILE A 177 -9.54 10.09 2.26
CA ILE A 177 -9.38 11.23 3.15
C ILE A 177 -8.60 12.33 2.45
N SER A 178 -7.57 11.96 1.70
N SER A 178 -7.55 11.96 1.71
CA SER A 178 -6.77 12.96 0.98
CA SER A 178 -6.77 12.94 0.97
C SER A 178 -7.62 13.68 -0.06
C SER A 178 -7.63 13.69 -0.04
N TYR A 179 -8.47 12.96 -0.77
CA TYR A 179 -9.35 13.60 -1.73
C TYR A 179 -10.25 14.62 -1.04
N LEU A 180 -10.81 14.25 0.12
CA LEU A 180 -11.70 15.18 0.82
C LEU A 180 -10.94 16.36 1.41
N MET A 181 -9.72 16.13 1.91
N MET A 181 -9.72 16.10 1.91
CA MET A 181 -8.94 17.23 2.47
CA MET A 181 -8.88 17.18 2.45
C MET A 181 -8.63 18.32 1.45
C MET A 181 -8.71 18.32 1.44
N ALA A 182 -8.61 17.98 0.16
CA ALA A 182 -8.37 18.97 -0.88
C ALA A 182 -9.47 20.03 -0.94
N TYR A 183 -10.69 19.73 -0.46
CA TYR A 183 -11.75 20.72 -0.47
C TYR A 183 -11.52 21.83 0.55
N ASN A 184 -10.76 21.54 1.62
CA ASN A 184 -10.55 22.51 2.69
C ASN A 184 -11.87 23.02 3.25
N ALA A 185 -12.83 22.11 3.48
CA ALA A 185 -14.18 22.53 3.83
C ALA A 185 -14.58 22.00 5.18
N PRO A 186 -15.17 22.82 6.05
CA PRO A 186 -15.52 22.36 7.40
C PRO A 186 -16.55 21.25 7.41
N SER A 187 -17.54 21.29 6.52
CA SER A 187 -18.52 20.21 6.50
C SER A 187 -17.88 18.89 6.09
N LEU A 188 -16.82 18.95 5.28
CA LEU A 188 -16.15 17.71 4.87
C LEU A 188 -15.11 17.24 5.89
N LYS A 189 -14.56 18.15 6.71
CA LYS A 189 -13.74 17.66 7.83
C LYS A 189 -14.55 16.76 8.75
N GLU A 190 -15.85 17.04 8.91
CA GLU A 190 -16.73 16.16 9.68
C GLU A 190 -16.76 14.75 9.10
N TRP A 191 -16.87 14.65 7.78
CA TRP A 191 -16.89 13.33 7.14
C TRP A 191 -15.53 12.66 7.17
N ILE A 192 -14.45 13.45 7.08
CA ILE A 192 -13.12 12.88 7.23
C ILE A 192 -13.00 12.21 8.60
N ASP A 193 -13.51 12.86 9.64
CA ASP A 193 -13.45 12.27 10.99
C ASP A 193 -14.31 11.01 11.08
N VAL A 194 -15.45 11.01 10.39
CA VAL A 194 -16.28 9.80 10.32
C VAL A 194 -15.51 8.67 9.67
N ILE A 195 -14.85 8.95 8.54
CA ILE A 195 -14.10 7.90 7.84
C ILE A 195 -12.96 7.39 8.72
N HIS A 196 -12.24 8.30 9.40
CA HIS A 196 -11.18 7.88 10.32
C HIS A 196 -11.66 6.83 11.32
N LYS A 197 -12.91 6.93 11.75
CA LYS A 197 -13.46 6.05 12.78
C LYS A 197 -13.96 4.73 12.23
N HIS A 198 -13.85 4.47 10.92
CA HIS A 198 -14.34 3.23 10.33
C HIS A 198 -13.19 2.43 9.74
N ASP A 199 -13.44 1.14 9.56
CA ASP A 199 -12.45 0.18 9.08
C ASP A 199 -12.77 -0.07 7.61
N LEU A 200 -11.90 0.42 6.73
CA LEU A 200 -12.08 0.29 5.30
C LEU A 200 -11.19 -0.80 4.70
N SER A 201 -10.66 -1.70 5.53
CA SER A 201 -9.59 -2.57 5.06
C SER A 201 -10.02 -3.55 3.97
N GLU A 202 -11.32 -3.87 3.87
CA GLU A 202 -11.79 -4.79 2.85
C GLU A 202 -11.82 -4.19 1.45
N THR A 203 -11.51 -2.91 1.28
CA THR A 203 -11.64 -2.27 -0.03
C THR A 203 -10.58 -2.82 -0.98
N ASN A 204 -11.03 -3.27 -2.15
N ASN A 204 -10.99 -3.28 -2.15
CA ASN A 204 -10.13 -3.89 -3.14
CA ASN A 204 -10.03 -3.82 -3.11
C ASN A 204 -9.96 -3.04 -4.40
C ASN A 204 -10.09 -3.08 -4.44
N VAL A 205 -10.49 -1.82 -4.43
CA VAL A 205 -10.34 -0.91 -5.56
C VAL A 205 -9.41 0.24 -5.17
N TYR A 206 -8.77 0.84 -6.17
CA TYR A 206 -7.95 2.03 -5.97
C TYR A 206 -8.73 3.28 -6.31
N LEU A 207 -8.55 4.33 -5.52
CA LEU A 207 -9.24 5.60 -5.78
C LEU A 207 -8.44 6.40 -6.80
N ILE A 208 -9.12 6.94 -7.81
CA ILE A 208 -8.50 7.86 -8.75
C ILE A 208 -9.34 9.14 -8.77
N GLY A 209 -8.81 10.20 -8.20
CA GLY A 209 -9.50 11.46 -8.16
C GLY A 209 -8.81 12.55 -8.94
N SER A 210 -9.57 13.57 -9.28
CA SER A 210 -9.06 14.84 -9.76
C SER A 210 -9.54 15.92 -8.82
N THR A 211 -8.66 16.87 -8.51
N THR A 211 -8.64 16.83 -8.45
CA THR A 211 -9.00 18.04 -7.72
CA THR A 211 -8.99 18.04 -7.72
C THR A 211 -8.30 19.24 -8.36
C THR A 211 -8.32 19.23 -8.40
N PRO A 212 -8.93 20.42 -8.36
CA PRO A 212 -8.36 21.56 -9.08
C PRO A 212 -7.02 21.99 -8.48
N GLY A 213 -6.08 22.29 -9.35
CA GLY A 213 -4.80 22.79 -8.86
C GLY A 213 -3.72 22.65 -9.90
N ARG A 214 -2.52 23.07 -9.49
N ARG A 214 -2.52 23.08 -9.50
CA ARG A 214 -1.30 22.92 -10.27
CA ARG A 214 -1.30 22.91 -10.29
C ARG A 214 -0.32 22.13 -9.42
C ARG A 214 -0.32 22.13 -9.42
N PHE A 215 0.00 20.91 -9.85
CA PHE A 215 0.76 19.98 -9.03
C PHE A 215 2.13 19.75 -9.63
N GLN A 216 3.15 19.85 -8.79
CA GLN A 216 4.53 19.57 -9.19
C GLN A 216 5.16 18.58 -8.22
N GLY A 217 6.30 18.05 -8.62
CA GLY A 217 7.09 17.23 -7.71
C GLY A 217 6.31 15.98 -7.33
N SER A 218 6.35 15.67 -6.04
CA SER A 218 5.63 14.51 -5.53
C SER A 218 4.15 14.58 -5.87
N GLN A 219 3.52 15.71 -5.57
CA GLN A 219 2.08 15.88 -5.70
C GLN A 219 1.57 15.58 -7.10
N LYS A 220 2.45 15.60 -8.10
CA LYS A 220 2.06 15.32 -9.48
C LYS A 220 1.36 13.98 -9.61
N ASP A 221 1.81 12.98 -8.85
CA ASP A 221 1.26 11.63 -8.94
C ASP A 221 -0.05 11.47 -8.18
N ASN A 222 -0.52 12.50 -7.49
CA ASN A 222 -1.71 12.36 -6.66
C ASN A 222 -3.01 12.33 -7.45
N TRP A 223 -3.06 12.90 -8.65
CA TRP A 223 -4.35 13.18 -9.29
C TRP A 223 -4.34 12.91 -10.79
N GLY A 224 -5.55 12.80 -11.35
CA GLY A 224 -5.72 12.84 -12.80
C GLY A 224 -5.02 11.69 -13.50
N HIS A 225 -4.55 11.95 -14.73
CA HIS A 225 -3.99 10.82 -15.44
C HIS A 225 -2.63 10.41 -14.89
N PHE A 226 -1.93 11.30 -14.18
CA PHE A 226 -0.68 10.89 -13.54
C PHE A 226 -0.93 9.93 -12.38
N ARG A 227 -2.03 10.13 -11.64
CA ARG A 227 -2.40 9.15 -10.62
C ARG A 227 -2.61 7.78 -11.25
N LEU A 228 -3.36 7.73 -12.35
CA LEU A 228 -3.55 6.48 -13.07
C LEU A 228 -2.21 5.87 -13.47
N LYS A 229 -1.32 6.69 -14.02
CA LYS A 229 -0.03 6.17 -14.48
C LYS A 229 0.75 5.56 -13.32
N LYS A 230 0.78 6.26 -12.19
CA LYS A 230 1.52 5.78 -11.02
C LYS A 230 0.98 4.45 -10.52
N LEU A 231 -0.36 4.32 -10.47
CA LEU A 231 -0.96 3.08 -10.02
C LEU A 231 -0.62 1.94 -10.98
N LEU A 232 -0.64 2.23 -12.28
CA LEU A 232 -0.35 1.19 -13.26
C LEU A 232 1.12 0.82 -13.24
N LYS A 233 1.98 1.82 -13.05
CA LYS A 233 3.41 1.56 -12.86
C LYS A 233 3.62 0.64 -11.65
N ASP A 234 2.95 0.94 -10.53
CA ASP A 234 3.26 0.26 -9.28
C ASP A 234 2.51 -1.07 -9.09
N HIS A 235 1.33 -1.24 -9.69
CA HIS A 235 0.48 -2.35 -9.30
C HIS A 235 -0.05 -3.16 -10.48
N ALA A 236 0.41 -2.88 -11.70
CA ALA A 236 0.17 -3.79 -12.81
C ALA A 236 1.52 -4.22 -13.37
N SER A 237 1.51 -5.29 -14.14
CA SER A 237 2.73 -5.83 -14.72
C SER A 237 2.64 -5.80 -16.24
N SER A 238 3.78 -5.54 -16.88
CA SER A 238 3.79 -5.60 -18.32
C SER A 238 3.78 -7.06 -18.77
N MET A 239 3.41 -7.28 -20.02
CA MET A 239 3.26 -8.61 -20.58
C MET A 239 3.86 -8.61 -21.97
N PRO A 240 4.23 -9.77 -22.50
CA PRO A 240 4.76 -9.82 -23.86
C PRO A 240 3.70 -9.34 -24.84
N ASN A 241 4.14 -8.58 -25.84
CA ASN A 241 3.25 -8.01 -26.85
C ASN A 241 2.25 -7.04 -26.23
N ALA A 242 2.69 -6.30 -25.19
CA ALA A 242 1.85 -5.27 -24.59
C ALA A 242 1.41 -4.23 -25.62
N GLU A 243 2.28 -3.90 -26.58
CA GLU A 243 1.95 -2.95 -27.64
C GLU A 243 0.68 -3.33 -28.39
N SER A 244 0.27 -4.61 -28.34
CA SER A 244 -0.91 -5.06 -29.04
C SER A 244 -2.19 -4.98 -28.20
N TRP A 245 -2.08 -4.72 -26.89
CA TRP A 245 -3.26 -4.57 -26.05
C TRP A 245 -3.80 -3.16 -26.24
N PRO A 246 -5.00 -3.02 -26.81
CA PRO A 246 -5.57 -1.68 -27.04
C PRO A 246 -5.89 -0.96 -25.73
N VAL A 247 -6.17 0.32 -25.86
CA VAL A 247 -6.76 1.14 -24.82
C VAL A 247 -8.16 1.51 -25.27
N VAL A 248 -9.11 1.50 -24.35
CA VAL A 248 -10.49 1.87 -24.68
C VAL A 248 -10.92 2.97 -23.73
N GLY A 249 -11.43 4.06 -24.30
CA GLY A 249 -12.02 5.14 -23.52
C GLY A 249 -13.45 5.34 -23.97
N GLN A 250 -14.32 5.58 -23.02
CA GLN A 250 -15.77 5.53 -23.24
C GLN A 250 -16.38 6.62 -22.38
N PHE A 251 -17.08 7.57 -22.99
CA PHE A 251 -17.39 8.81 -22.30
C PHE A 251 -18.63 9.42 -22.95
N SER A 252 -19.14 10.47 -22.31
CA SER A 252 -20.34 11.12 -22.82
C SER A 252 -20.13 12.61 -23.09
N SER A 253 -18.91 13.12 -22.92
CA SER A 253 -18.57 14.47 -23.36
C SER A 253 -17.10 14.52 -23.76
N VAL A 254 -16.76 15.49 -24.61
CA VAL A 254 -15.40 15.67 -25.09
C VAL A 254 -15.02 17.14 -24.97
N GLY A 255 -13.85 17.41 -24.40
CA GLY A 255 -13.36 18.77 -24.33
C GLY A 255 -12.51 19.10 -25.54
N SER A 256 -11.98 20.31 -25.55
N SER A 256 -11.99 20.32 -25.55
CA SER A 256 -11.07 20.73 -26.61
CA SER A 256 -11.04 20.75 -26.58
C SER A 256 -9.71 20.09 -26.35
C SER A 256 -9.70 20.07 -26.33
N LEU A 257 -9.30 19.19 -27.24
CA LEU A 257 -8.08 18.41 -27.04
C LEU A 257 -6.89 18.93 -27.82
N GLY A 258 -7.09 19.96 -28.64
CA GLY A 258 -6.00 20.54 -29.40
C GLY A 258 -6.13 20.28 -30.89
N ALA A 259 -5.22 20.91 -31.63
CA ALA A 259 -5.27 20.94 -33.09
C ALA A 259 -4.98 19.60 -33.74
N ASP A 260 -4.29 18.70 -33.06
CA ASP A 260 -4.02 17.37 -33.59
C ASP A 260 -3.78 16.43 -32.41
N GLU A 261 -3.60 15.15 -32.72
CA GLU A 261 -3.50 14.15 -31.66
C GLU A 261 -2.21 14.24 -30.85
N SER A 262 -1.19 14.95 -31.34
CA SER A 262 0.06 15.05 -30.61
C SER A 262 -0.04 15.98 -29.42
N LYS A 263 -1.01 16.90 -29.44
CA LYS A 263 -1.05 17.95 -28.44
C LYS A 263 -1.37 17.43 -27.04
N TRP A 264 -2.23 16.39 -26.93
CA TRP A 264 -2.58 15.86 -25.61
C TRP A 264 -3.02 14.41 -25.64
N LEU A 265 -3.90 14.06 -26.58
CA LEU A 265 -4.57 12.77 -26.57
C LEU A 265 -3.55 11.63 -26.66
N CYS A 266 -2.72 11.65 -27.70
CA CYS A 266 -1.75 10.58 -27.92
C CYS A 266 -0.40 10.86 -27.29
N SER A 267 -0.15 12.06 -26.80
CA SER A 267 1.12 12.30 -26.11
C SER A 267 0.90 11.90 -24.65
N GLU A 268 0.50 12.83 -23.79
CA GLU A 268 0.50 12.52 -22.36
C GLU A 268 -0.67 11.60 -21.96
N PHE A 269 -1.87 11.80 -22.50
CA PHE A 269 -3.00 11.00 -22.03
C PHE A 269 -2.82 9.53 -22.37
N LYS A 270 -2.64 9.21 -23.65
CA LYS A 270 -2.41 7.82 -24.03
C LYS A 270 -1.19 7.23 -23.33
N GLU A 271 -0.12 8.04 -23.15
CA GLU A 271 1.08 7.51 -22.52
C GLU A 271 0.83 7.09 -21.07
N SER A 272 0.03 7.85 -20.33
CA SER A 272 -0.38 7.39 -19.01
C SER A 272 -1.16 6.08 -19.10
N MET A 273 -2.14 6.04 -20.01
CA MET A 273 -3.04 4.89 -20.09
C MET A 273 -2.36 3.62 -20.60
N LEU A 274 -1.25 3.75 -21.32
N LEU A 274 -1.25 3.73 -21.31
CA LEU A 274 -0.47 2.63 -21.83
CA LEU A 274 -0.56 2.53 -21.77
C LEU A 274 0.43 2.02 -20.76
C LEU A 274 0.52 2.06 -20.80
N THR A 275 0.64 2.72 -19.65
CA THR A 275 1.61 2.30 -18.65
C THR A 275 1.25 0.93 -18.08
N LEU A 276 2.26 0.06 -17.97
CA LEU A 276 2.12 -1.22 -17.28
C LEU A 276 3.48 -1.53 -16.67
N GLY A 277 3.56 -1.60 -15.36
CA GLY A 277 4.82 -2.00 -14.75
C GLY A 277 5.82 -0.86 -14.69
N LYS A 278 7.05 -1.21 -14.28
CA LYS A 278 8.04 -0.24 -13.83
C LYS A 278 9.09 0.13 -14.89
N GLU A 279 9.20 -0.62 -15.98
CA GLU A 279 10.25 -0.34 -16.96
C GLU A 279 9.84 0.80 -17.89
N SER A 280 10.75 1.19 -18.78
CA SER A 280 10.47 2.22 -19.77
C SER A 280 9.86 1.59 -21.02
N SER A 286 4.23 4.94 -30.36
CA SER A 286 3.42 3.80 -29.93
C SER A 286 2.32 3.45 -30.92
N SER A 287 2.29 2.18 -31.32
CA SER A 287 1.27 1.65 -32.21
C SER A 287 0.12 0.98 -31.45
N VAL A 288 -0.02 1.27 -30.16
CA VAL A 288 -1.13 0.69 -29.40
C VAL A 288 -2.45 1.22 -29.96
N PRO A 289 -3.41 0.35 -30.30
CA PRO A 289 -4.71 0.86 -30.78
C PRO A 289 -5.44 1.62 -29.68
N LEU A 290 -6.08 2.72 -30.09
CA LEU A 290 -6.90 3.55 -29.20
C LEU A 290 -8.33 3.55 -29.75
N TYR A 291 -9.26 2.99 -28.99
CA TYR A 291 -10.67 2.97 -29.34
C TYR A 291 -11.39 3.96 -28.44
N LEU A 292 -12.06 4.95 -29.04
CA LEU A 292 -12.90 5.88 -28.29
C LEU A 292 -14.37 5.59 -28.61
N ILE A 293 -15.17 5.41 -27.56
CA ILE A 293 -16.59 5.07 -27.68
C ILE A 293 -17.42 6.27 -27.27
N TYR A 294 -18.22 6.77 -28.21
CA TYR A 294 -19.02 7.95 -27.99
C TYR A 294 -20.22 7.89 -28.95
N PRO A 295 -21.43 8.17 -28.47
CA PRO A 295 -22.63 7.93 -29.29
C PRO A 295 -22.65 8.75 -30.56
N SER A 296 -22.99 8.08 -31.66
CA SER A 296 -23.26 8.73 -32.94
C SER A 296 -24.65 9.38 -32.92
N VAL A 297 -24.92 10.23 -33.91
CA VAL A 297 -26.25 10.81 -34.05
C VAL A 297 -27.31 9.72 -34.13
N GLU A 298 -27.03 8.67 -34.91
N GLU A 298 -27.02 8.66 -34.88
CA GLU A 298 -28.00 7.59 -35.06
CA GLU A 298 -28.03 7.61 -35.05
C GLU A 298 -28.23 6.85 -33.74
C GLU A 298 -28.22 6.79 -33.76
N ASN A 299 -27.16 6.62 -32.96
CA ASN A 299 -27.32 6.04 -31.62
C ASN A 299 -28.35 6.83 -30.83
N VAL A 300 -28.23 8.16 -30.86
CA VAL A 300 -29.10 9.00 -30.06
C VAL A 300 -30.52 9.01 -30.64
N ARG A 301 -30.64 9.16 -31.96
CA ARG A 301 -31.96 9.22 -32.58
C ARG A 301 -32.79 7.98 -32.26
N THR A 302 -32.17 6.81 -32.29
CA THR A 302 -32.89 5.57 -32.08
C THR A 302 -32.95 5.15 -30.61
N SER A 303 -32.49 6.01 -29.71
CA SER A 303 -32.42 5.68 -28.29
C SER A 303 -33.80 5.70 -27.62
N LEU A 304 -33.86 5.06 -26.44
CA LEU A 304 -35.08 5.09 -25.63
C LEU A 304 -35.58 6.51 -25.42
N GLU A 305 -34.67 7.44 -25.13
CA GLU A 305 -35.04 8.83 -24.92
C GLU A 305 -35.25 9.60 -26.21
N GLY A 306 -34.69 9.14 -27.32
CA GLY A 306 -34.69 9.94 -28.52
C GLY A 306 -33.68 11.07 -28.42
N TYR A 307 -33.84 12.05 -29.31
CA TYR A 307 -32.91 13.18 -29.34
C TYR A 307 -32.68 13.83 -27.98
N PRO A 308 -33.69 13.98 -27.10
CA PRO A 308 -33.43 14.55 -25.76
C PRO A 308 -32.29 13.90 -24.98
N ALA A 309 -31.94 12.62 -25.25
CA ALA A 309 -30.75 12.07 -24.61
C ALA A 309 -29.52 12.93 -24.91
N GLY A 310 -29.49 13.60 -26.06
CA GLY A 310 -28.38 14.45 -26.41
C GLY A 310 -28.22 15.67 -25.52
N GLY A 311 -29.24 16.02 -24.74
CA GLY A 311 -29.08 17.06 -23.75
C GLY A 311 -28.01 16.74 -22.74
N SER A 312 -27.73 15.45 -22.52
CA SER A 312 -26.69 15.02 -21.59
C SER A 312 -25.44 14.54 -22.31
N LEU A 313 -25.30 14.88 -23.59
CA LEU A 313 -24.09 14.58 -24.35
C LEU A 313 -23.60 15.90 -24.92
N PRO A 314 -23.05 16.77 -24.07
CA PRO A 314 -22.83 18.19 -24.42
C PRO A 314 -21.56 18.48 -25.22
N TYR A 315 -21.35 17.74 -26.30
CA TYR A 315 -20.30 18.06 -27.26
C TYR A 315 -20.79 19.19 -28.17
N SER A 316 -20.11 20.34 -28.12
CA SER A 316 -20.56 21.49 -28.88
C SER A 316 -19.89 21.55 -30.25
N ILE A 317 -20.57 22.18 -31.22
CA ILE A 317 -20.02 22.30 -32.57
C ILE A 317 -18.76 23.16 -32.57
N GLN A 318 -18.67 24.14 -31.68
CA GLN A 318 -17.50 25.01 -31.63
C GLN A 318 -16.25 24.23 -31.23
N THR A 319 -16.41 23.27 -30.33
CA THR A 319 -15.28 22.41 -29.98
C THR A 319 -14.97 21.44 -31.11
N ALA A 320 -16.01 20.77 -31.63
CA ALA A 320 -15.80 19.65 -32.54
C ALA A 320 -15.19 20.09 -33.86
N GLU A 321 -15.61 21.27 -34.37
CA GLU A 321 -15.13 21.70 -35.69
C GLU A 321 -13.63 21.99 -35.67
N LYS A 322 -13.05 22.20 -34.50
CA LYS A 322 -11.63 22.46 -34.38
C LYS A 322 -10.80 21.19 -34.19
N GLN A 323 -11.43 20.01 -34.14
CA GLN A 323 -10.67 18.80 -33.88
C GLN A 323 -11.29 17.63 -34.63
N ASN A 324 -11.60 17.83 -35.92
CA ASN A 324 -12.18 16.74 -36.71
C ASN A 324 -11.27 15.53 -36.76
N TRP A 325 -9.95 15.71 -36.57
CA TRP A 325 -9.04 14.57 -36.49
C TRP A 325 -9.49 13.55 -35.46
N LEU A 326 -10.14 14.00 -34.39
CA LEU A 326 -10.54 13.13 -33.28
C LEU A 326 -11.59 12.11 -33.71
N HIS A 327 -12.49 12.49 -34.59
CA HIS A 327 -13.64 11.66 -34.86
C HIS A 327 -13.29 10.38 -35.59
N SER A 328 -12.12 10.31 -36.22
N SER A 328 -12.11 10.32 -36.22
CA SER A 328 -11.69 9.04 -36.79
CA SER A 328 -11.63 9.08 -36.78
C SER A 328 -11.26 8.03 -35.72
C SER A 328 -11.37 8.02 -35.72
N TYR A 329 -11.30 8.41 -34.44
CA TYR A 329 -11.09 7.47 -33.34
C TYR A 329 -12.39 6.92 -32.79
N PHE A 330 -13.54 7.40 -33.25
CA PHE A 330 -14.80 7.19 -32.55
C PHE A 330 -15.47 5.90 -32.97
N HIS A 331 -16.03 5.20 -31.98
CA HIS A 331 -16.73 3.94 -32.21
C HIS A 331 -18.15 4.06 -31.64
N LYS A 332 -19.09 3.32 -32.22
CA LYS A 332 -20.49 3.45 -31.85
C LYS A 332 -20.74 2.90 -30.46
N TRP A 333 -21.80 3.39 -29.82
CA TRP A 333 -22.25 2.81 -28.57
C TRP A 333 -23.04 1.54 -28.86
N SER A 334 -22.62 0.43 -28.25
CA SER A 334 -23.31 -0.84 -28.43
C SER A 334 -23.22 -1.61 -27.12
N ALA A 335 -24.35 -2.11 -26.64
CA ALA A 335 -24.37 -2.74 -25.33
C ALA A 335 -25.39 -3.88 -25.30
N GLU A 336 -25.39 -4.70 -26.35
CA GLU A 336 -26.22 -5.91 -26.32
C GLU A 336 -25.93 -6.77 -25.08
N THR A 337 -24.66 -6.82 -24.64
CA THR A 337 -24.31 -7.67 -23.51
C THR A 337 -25.12 -7.32 -22.26
N SER A 338 -25.53 -6.06 -22.10
CA SER A 338 -26.33 -5.66 -20.95
C SER A 338 -27.70 -5.15 -21.38
N GLY A 339 -28.13 -5.46 -22.59
CA GLY A 339 -29.43 -5.00 -23.09
C GLY A 339 -29.59 -3.51 -23.17
N ARG A 340 -28.49 -2.76 -23.31
CA ARG A 340 -28.55 -1.31 -23.18
C ARG A 340 -28.05 -0.55 -24.42
N SER A 341 -28.09 -1.18 -25.60
CA SER A 341 -27.70 -0.43 -26.80
C SER A 341 -28.55 0.83 -26.98
N ASN A 342 -29.80 0.83 -26.55
CA ASN A 342 -30.64 2.02 -26.71
C ASN A 342 -30.70 2.91 -25.47
N ALA A 343 -29.92 2.60 -24.43
CA ALA A 343 -29.86 3.42 -23.23
C ALA A 343 -28.55 4.22 -23.28
N MET A 344 -28.65 5.49 -23.62
CA MET A 344 -27.45 6.22 -24.00
C MET A 344 -26.47 6.28 -22.83
N PRO A 345 -25.17 6.24 -23.10
CA PRO A 345 -24.19 6.15 -21.99
C PRO A 345 -24.02 7.50 -21.31
N HIS A 346 -24.14 7.48 -20.00
CA HIS A 346 -23.65 8.56 -19.17
C HIS A 346 -22.56 8.08 -18.21
N ILE A 347 -22.38 6.77 -18.10
CA ILE A 347 -21.20 6.20 -17.49
C ILE A 347 -19.95 6.63 -18.30
N LYS A 348 -18.80 6.67 -17.63
CA LYS A 348 -17.52 6.81 -18.31
C LYS A 348 -16.61 5.69 -17.81
N THR A 349 -15.91 5.05 -18.74
CA THR A 349 -15.06 3.91 -18.40
C THR A 349 -13.83 3.96 -19.29
N TYR A 350 -12.74 3.42 -18.76
CA TYR A 350 -11.46 3.29 -19.44
C TYR A 350 -10.90 1.93 -19.09
N MET A 351 -10.28 1.25 -20.06
CA MET A 351 -9.82 -0.11 -19.79
C MET A 351 -8.76 -0.53 -20.80
N ARG A 352 -8.09 -1.65 -20.50
CA ARG A 352 -6.96 -2.15 -21.28
C ARG A 352 -7.19 -3.61 -21.64
N PRO A 353 -7.97 -3.88 -22.67
CA PRO A 353 -8.23 -5.27 -23.08
C PRO A 353 -7.07 -5.88 -23.88
N SER A 354 -7.08 -7.21 -23.94
CA SER A 354 -6.15 -8.00 -24.74
C SER A 354 -6.50 -7.85 -26.22
N PRO A 355 -5.58 -8.22 -27.12
CA PRO A 355 -5.81 -8.01 -28.55
C PRO A 355 -7.09 -8.66 -29.07
N ASP A 356 -7.52 -9.76 -28.48
CA ASP A 356 -8.79 -10.36 -28.88
C ASP A 356 -9.93 -10.01 -27.94
N PHE A 357 -9.73 -9.03 -27.05
CA PHE A 357 -10.76 -8.51 -26.15
C PHE A 357 -11.34 -9.57 -25.21
N SER A 358 -10.62 -10.67 -24.99
CA SER A 358 -11.11 -11.73 -24.11
C SER A 358 -10.72 -11.50 -22.65
N LYS A 359 -9.69 -10.70 -22.41
CA LYS A 359 -9.18 -10.38 -21.08
C LYS A 359 -8.99 -8.88 -20.97
N ILE A 360 -8.93 -8.35 -19.74
CA ILE A 360 -8.52 -6.97 -19.55
C ILE A 360 -7.47 -6.90 -18.43
N ALA A 361 -6.52 -6.00 -18.60
CA ALA A 361 -5.48 -5.74 -17.63
C ALA A 361 -5.94 -4.82 -16.50
N TRP A 362 -7.04 -4.09 -16.67
CA TRP A 362 -7.58 -3.18 -15.65
C TRP A 362 -8.82 -2.50 -16.20
N PHE A 363 -9.66 -1.99 -15.29
CA PHE A 363 -10.91 -1.34 -15.66
C PHE A 363 -11.10 -0.17 -14.70
N LEU A 364 -11.45 1.00 -15.24
CA LEU A 364 -11.72 2.21 -14.47
C LEU A 364 -13.15 2.67 -14.75
N VAL A 365 -13.94 2.90 -13.71
CA VAL A 365 -15.20 3.62 -13.86
C VAL A 365 -15.06 4.95 -13.12
N THR A 366 -15.53 6.04 -13.75
CA THR A 366 -15.22 7.37 -13.22
C THR A 366 -16.25 8.38 -13.69
N SER A 367 -16.26 9.55 -13.04
CA SER A 367 -17.01 10.67 -13.56
C SER A 367 -16.33 11.40 -14.72
N ALA A 368 -15.04 11.12 -14.97
CA ALA A 368 -14.23 11.93 -15.88
C ALA A 368 -14.57 11.65 -17.35
N ASN A 369 -15.05 12.68 -18.05
CA ASN A 369 -15.18 12.64 -19.51
C ASN A 369 -13.81 12.82 -20.16
N LEU A 370 -13.79 12.86 -21.50
CA LEU A 370 -12.51 12.97 -22.21
C LEU A 370 -12.16 14.45 -22.37
N SER A 371 -11.62 15.03 -21.30
CA SER A 371 -11.22 16.44 -21.31
C SER A 371 -9.96 16.64 -20.51
N LYS A 372 -9.19 17.66 -20.91
CA LYS A 372 -8.05 18.09 -20.11
C LYS A 372 -8.49 18.62 -18.75
N ALA A 373 -9.67 19.23 -18.67
CA ALA A 373 -10.16 19.76 -17.40
C ALA A 373 -10.28 18.66 -16.36
N ALA A 374 -10.76 17.49 -16.78
CA ALA A 374 -10.99 16.36 -15.89
C ALA A 374 -9.71 15.60 -15.59
N TRP A 375 -8.89 15.37 -16.61
CA TRP A 375 -7.78 14.44 -16.49
C TRP A 375 -6.45 15.12 -16.20
N GLY A 376 -6.33 16.42 -16.46
CA GLY A 376 -5.10 17.13 -16.22
C GLY A 376 -4.29 17.34 -17.48
N ALA A 377 -3.62 18.48 -17.59
CA ALA A 377 -2.74 18.73 -18.72
C ALA A 377 -1.42 19.27 -18.20
N LEU A 378 -0.33 18.79 -18.80
CA LEU A 378 1.00 19.20 -18.36
C LEU A 378 1.26 20.66 -18.73
N GLU A 379 1.92 21.38 -17.82
CA GLU A 379 2.29 22.77 -17.98
C GLU A 379 3.73 22.96 -17.54
N LYS A 380 4.29 24.13 -17.85
CA LYS A 380 5.62 24.54 -17.40
C LYS A 380 6.67 23.51 -17.79
N ASN A 381 6.77 23.27 -19.09
CA ASN A 381 7.80 22.39 -19.65
C ASN A 381 7.71 20.99 -19.04
N GLY A 382 6.48 20.51 -18.85
CA GLY A 382 6.23 19.15 -18.36
C GLY A 382 6.47 18.91 -16.88
N THR A 383 6.59 19.96 -16.07
CA THR A 383 6.88 19.82 -14.65
C THR A 383 5.65 20.01 -13.75
N GLN A 384 4.51 20.37 -14.32
CA GLN A 384 3.35 20.73 -13.52
C GLN A 384 2.12 20.16 -14.19
N LEU A 385 1.25 19.51 -13.41
CA LEU A 385 0.00 18.96 -13.92
C LEU A 385 -1.14 19.85 -13.46
N MET A 386 -1.86 20.45 -14.41
CA MET A 386 -2.90 21.40 -14.08
C MET A 386 -4.26 20.76 -14.31
N ILE A 387 -5.10 20.79 -13.29
CA ILE A 387 -6.42 20.18 -13.33
C ILE A 387 -7.44 21.24 -12.95
N ARG A 388 -8.54 21.31 -13.70
CA ARG A 388 -9.56 22.33 -13.42
C ARG A 388 -10.68 21.86 -12.51
N SER A 389 -10.95 20.55 -12.46
CA SER A 389 -12.24 20.05 -12.03
C SER A 389 -12.07 19.02 -10.90
N TYR A 390 -13.15 18.79 -10.14
CA TYR A 390 -13.25 17.63 -9.25
C TYR A 390 -13.82 16.46 -10.05
N GLU A 391 -13.16 15.31 -9.96
CA GLU A 391 -13.59 14.07 -10.60
C GLU A 391 -13.25 12.93 -9.66
N LEU A 392 -13.89 11.78 -9.85
CA LEU A 392 -13.63 10.64 -8.99
C LEU A 392 -14.05 9.34 -9.66
N GLY A 393 -13.21 8.31 -9.51
CA GLY A 393 -13.47 6.99 -10.04
C GLY A 393 -12.76 5.94 -9.21
N VAL A 394 -13.03 4.66 -9.52
CA VAL A 394 -12.35 3.56 -8.85
C VAL A 394 -11.75 2.63 -9.90
N LEU A 395 -10.51 2.17 -9.64
CA LEU A 395 -9.73 1.37 -10.55
C LEU A 395 -9.71 -0.07 -10.08
N PHE A 396 -10.07 -1.00 -10.97
CA PHE A 396 -10.00 -2.42 -10.69
C PHE A 396 -8.72 -2.97 -11.28
N LEU A 397 -7.83 -3.47 -10.42
CA LEU A 397 -6.55 -4.04 -10.86
C LEU A 397 -6.51 -5.52 -10.52
N PRO A 398 -6.15 -6.39 -11.47
CA PRO A 398 -6.11 -7.83 -11.18
C PRO A 398 -5.29 -8.19 -9.95
N SER A 399 -4.14 -7.53 -9.75
CA SER A 399 -3.32 -7.75 -8.58
C SER A 399 -4.10 -7.57 -7.29
N ALA A 400 -5.08 -6.65 -7.28
CA ALA A 400 -5.84 -6.42 -6.06
C ALA A 400 -6.81 -7.55 -5.78
N PHE A 401 -6.97 -8.49 -6.71
CA PHE A 401 -7.86 -9.63 -6.51
C PHE A 401 -7.08 -10.94 -6.58
N GLY A 402 -5.76 -10.86 -6.51
CA GLY A 402 -4.91 -12.02 -6.65
C GLY A 402 -4.90 -12.62 -8.04
N LEU A 403 -5.01 -11.78 -9.07
CA LEU A 403 -5.10 -12.26 -10.44
C LEU A 403 -4.05 -11.58 -11.31
N ASP A 404 -3.76 -12.20 -12.46
CA ASP A 404 -2.91 -11.58 -13.47
C ASP A 404 -3.69 -10.75 -14.48
N SER A 405 -4.94 -11.12 -14.75
CA SER A 405 -5.82 -10.40 -15.66
C SER A 405 -7.24 -10.77 -15.30
N PHE A 406 -8.20 -9.97 -15.76
CA PHE A 406 -9.61 -10.30 -15.63
C PHE A 406 -10.09 -10.92 -16.93
N LYS A 407 -10.84 -12.01 -16.84
CA LYS A 407 -11.56 -12.43 -18.03
C LYS A 407 -12.82 -11.58 -18.17
N VAL A 408 -13.25 -11.38 -19.40
CA VAL A 408 -14.39 -10.51 -19.68
C VAL A 408 -15.65 -11.34 -19.60
N LYS A 409 -16.60 -10.88 -18.80
CA LYS A 409 -17.87 -11.58 -18.66
C LYS A 409 -18.65 -11.49 -19.97
N GLN A 410 -19.14 -12.64 -20.45
CA GLN A 410 -19.73 -12.67 -21.79
C GLN A 410 -21.11 -12.02 -21.82
N LYS A 411 -21.96 -12.31 -20.84
CA LYS A 411 -23.23 -11.63 -20.67
C LYS A 411 -23.22 -10.91 -19.33
N PHE A 412 -23.42 -9.59 -19.37
CA PHE A 412 -23.22 -8.75 -18.20
C PHE A 412 -24.00 -9.28 -17.00
N PHE A 413 -25.25 -9.70 -17.22
CA PHE A 413 -26.11 -10.16 -16.15
C PHE A 413 -26.17 -11.67 -16.00
N ALA A 414 -25.54 -12.43 -16.91
CA ALA A 414 -25.46 -13.88 -16.73
C ALA A 414 -24.28 -14.26 -15.85
N PRO A 419 -17.69 -18.31 -13.52
CA PRO A 419 -16.73 -18.20 -12.42
C PRO A 419 -16.55 -16.77 -11.91
N MET A 420 -17.41 -16.35 -10.98
CA MET A 420 -17.56 -14.99 -10.46
C MET A 420 -16.38 -14.03 -10.60
N ALA A 421 -15.16 -14.52 -10.87
CA ALA A 421 -13.98 -13.68 -11.05
C ALA A 421 -13.80 -13.20 -12.50
N THR A 422 -14.88 -13.06 -13.27
CA THR A 422 -14.81 -12.47 -14.59
C THR A 422 -15.43 -11.08 -14.53
N PHE A 423 -14.81 -10.12 -15.23
CA PHE A 423 -15.24 -8.74 -14.97
C PHE A 423 -16.41 -8.36 -15.85
N PRO A 424 -17.46 -7.77 -15.28
CA PRO A 424 -18.63 -7.42 -16.08
C PRO A 424 -18.45 -6.12 -16.85
N VAL A 425 -17.89 -6.22 -18.04
CA VAL A 425 -17.81 -5.05 -18.93
C VAL A 425 -19.20 -4.73 -19.48
N PRO A 426 -19.69 -3.50 -19.34
CA PRO A 426 -21.13 -3.24 -19.63
C PRO A 426 -21.48 -3.01 -21.10
N TYR A 427 -20.52 -2.94 -22.00
CA TYR A 427 -20.82 -2.72 -23.41
C TYR A 427 -20.07 -3.72 -24.27
N ASP A 428 -20.40 -3.75 -25.55
CA ASP A 428 -19.92 -4.82 -26.43
C ASP A 428 -18.48 -4.58 -26.86
N LEU A 429 -17.76 -5.68 -27.03
CA LEU A 429 -16.41 -5.75 -27.57
C LEU A 429 -16.38 -6.72 -28.75
N PRO A 430 -15.55 -6.44 -29.77
CA PRO A 430 -14.77 -5.21 -29.96
C PRO A 430 -15.70 -4.05 -30.27
N PRO A 431 -15.31 -2.82 -29.93
CA PRO A 431 -16.14 -1.67 -30.31
C PRO A 431 -16.23 -1.57 -31.83
N GLU A 432 -17.31 -0.96 -32.33
CA GLU A 432 -17.55 -0.88 -33.78
C GLU A 432 -17.28 0.53 -34.28
N LEU A 433 -16.38 0.65 -35.26
CA LEU A 433 -16.07 1.96 -35.81
C LEU A 433 -17.32 2.62 -36.39
N TYR A 434 -17.38 3.95 -36.29
CA TYR A 434 -18.42 4.70 -37.00
C TYR A 434 -18.40 4.29 -38.48
N GLY A 435 -19.59 4.24 -39.09
CA GLY A 435 -19.66 4.12 -40.53
C GLY A 435 -19.41 5.46 -41.21
N SER A 436 -19.21 5.42 -42.54
CA SER A 436 -18.85 6.63 -43.28
C SER A 436 -19.93 7.70 -43.15
N LYS A 437 -21.19 7.30 -43.04
CA LYS A 437 -22.25 8.29 -42.89
C LYS A 437 -22.53 8.61 -41.43
N ASP A 438 -21.79 8.06 -40.47
CA ASP A 438 -22.05 8.38 -39.08
C ASP A 438 -21.33 9.67 -38.71
N ARG A 439 -21.89 10.37 -37.73
CA ARG A 439 -21.31 11.59 -37.19
C ARG A 439 -21.40 11.53 -35.67
N PRO A 440 -20.46 12.13 -34.95
CA PRO A 440 -20.59 12.16 -33.50
C PRO A 440 -21.77 13.04 -33.10
N TRP A 441 -22.43 12.66 -32.00
CA TRP A 441 -23.50 13.50 -31.48
C TRP A 441 -22.93 14.86 -31.10
N ILE A 442 -23.52 15.91 -31.66
CA ILE A 442 -23.15 17.29 -31.37
C ILE A 442 -24.43 18.01 -30.97
N TRP A 443 -24.48 18.53 -29.75
CA TRP A 443 -25.79 18.84 -29.17
C TRP A 443 -26.38 20.15 -29.65
N ASN A 444 -25.62 21.05 -30.26
CA ASN A 444 -26.13 22.39 -30.54
C ASN A 444 -26.21 22.69 -32.04
N ILE A 445 -26.47 21.65 -32.85
CA ILE A 445 -26.87 21.80 -34.24
C ILE A 445 -28.14 20.99 -34.45
N PRO A 446 -28.95 21.33 -35.43
CA PRO A 446 -30.23 20.62 -35.60
C PRO A 446 -30.08 19.31 -36.35
N TYR A 447 -30.99 18.38 -36.05
CA TYR A 447 -31.12 17.11 -36.78
C TYR A 447 -32.58 17.00 -37.19
N VAL A 448 -32.84 17.23 -38.48
CA VAL A 448 -34.22 17.26 -38.95
C VAL A 448 -34.39 16.36 -40.16
N LYS A 449 -33.44 15.46 -40.39
CA LYS A 449 -33.56 14.53 -41.51
C LYS A 449 -34.50 13.37 -41.18
N ALA A 450 -34.47 12.90 -39.93
CA ALA A 450 -35.24 11.72 -39.59
C ALA A 450 -35.67 11.83 -38.12
N PRO A 451 -36.89 11.42 -37.81
CA PRO A 451 -37.39 11.64 -36.45
C PRO A 451 -36.91 10.56 -35.48
N ASP A 452 -37.06 10.86 -34.20
CA ASP A 452 -36.54 9.99 -33.17
C ASP A 452 -37.66 9.05 -32.72
N THR A 453 -37.38 8.27 -31.67
CA THR A 453 -38.30 7.23 -31.23
C THR A 453 -39.59 7.79 -30.65
N HIS A 454 -39.65 9.09 -30.36
CA HIS A 454 -40.87 9.73 -29.89
C HIS A 454 -41.54 10.56 -30.99
N GLY A 455 -41.04 10.52 -32.22
CA GLY A 455 -41.64 11.24 -33.32
C GLY A 455 -41.13 12.64 -33.55
N ASN A 456 -40.02 13.03 -32.92
CA ASN A 456 -39.56 14.42 -32.94
C ASN A 456 -38.24 14.59 -33.68
N MET A 457 -38.00 15.82 -34.13
CA MET A 457 -36.71 16.27 -34.59
C MET A 457 -35.98 16.97 -33.45
N TRP A 458 -34.78 17.45 -33.74
CA TRP A 458 -33.93 18.13 -32.77
C TRP A 458 -33.62 19.51 -33.31
N VAL A 459 -34.16 20.55 -32.66
CA VAL A 459 -33.95 21.93 -33.10
C VAL A 459 -33.51 22.76 -31.90
N PRO A 460 -32.21 23.05 -31.77
CA PRO A 460 -31.75 23.93 -30.68
C PRO A 460 -32.07 25.40 -30.94
N ASN B 15 -1.14 -5.56 23.60
CA ASN B 15 -0.26 -5.00 22.58
C ASN B 15 -0.64 -5.50 21.20
N PRO B 16 -0.61 -4.61 20.21
CA PRO B 16 -0.70 -5.04 18.82
C PRO B 16 0.66 -5.35 18.22
N PHE B 17 1.74 -5.12 18.96
CA PHE B 17 3.03 -5.10 18.29
C PHE B 17 3.62 -6.48 18.12
N GLN B 18 3.33 -7.42 19.02
CA GLN B 18 3.85 -8.79 18.93
C GLN B 18 5.37 -8.78 18.81
N PHE B 19 6.00 -7.89 19.57
CA PHE B 19 7.45 -7.78 19.65
C PHE B 19 7.87 -8.37 20.98
N TYR B 20 8.69 -9.39 20.95
CA TYR B 20 9.10 -10.14 22.14
C TYR B 20 10.61 -10.16 22.28
N LEU B 21 11.07 -10.38 23.51
CA LEU B 21 12.45 -10.77 23.80
C LEU B 21 12.53 -12.27 24.07
N THR B 22 13.72 -12.82 23.85
CA THR B 22 13.93 -14.22 24.22
C THR B 22 14.08 -14.36 25.73
N ARG B 23 13.81 -15.56 26.22
CA ARG B 23 13.98 -15.88 27.63
C ARG B 23 15.45 -15.85 28.02
N VAL B 24 15.75 -15.30 29.20
CA VAL B 24 17.12 -15.15 29.68
C VAL B 24 17.26 -15.98 30.95
N SER B 25 18.20 -16.93 30.96
CA SER B 25 18.39 -17.74 32.15
C SER B 25 19.20 -16.95 33.17
N GLY B 26 18.76 -16.98 34.42
CA GLY B 26 19.52 -16.31 35.46
C GLY B 26 19.06 -14.92 35.79
N VAL B 27 17.89 -14.51 35.32
CA VAL B 27 17.23 -13.32 35.84
C VAL B 27 15.95 -13.78 36.54
N LYS B 28 15.41 -12.90 37.37
CA LYS B 28 14.20 -13.26 38.11
C LYS B 28 13.04 -13.49 37.14
N PRO B 29 12.07 -14.34 37.52
CA PRO B 29 10.98 -14.70 36.59
C PRO B 29 10.19 -13.53 36.04
N LYS B 30 10.07 -12.44 36.80
CA LYS B 30 9.30 -11.29 36.33
C LYS B 30 9.87 -10.72 35.03
N TYR B 31 11.16 -10.91 34.79
CA TYR B 31 11.77 -10.43 33.56
C TYR B 31 11.69 -11.45 32.42
N ASN B 32 11.09 -12.62 32.66
CA ASN B 32 10.82 -13.57 31.61
C ASN B 32 9.32 -13.77 31.40
N SER B 33 8.49 -13.02 32.12
CA SER B 33 7.04 -13.22 32.03
C SER B 33 6.55 -13.08 30.59
N GLY B 34 6.94 -12.00 29.93
CA GLY B 34 6.51 -11.82 28.55
C GLY B 34 7.47 -12.33 27.49
N ALA B 35 8.44 -13.16 27.86
CA ALA B 35 9.49 -13.55 26.93
C ALA B 35 9.17 -14.89 26.28
N LEU B 36 9.88 -15.19 25.20
CA LEU B 36 9.63 -16.40 24.41
C LEU B 36 10.93 -17.18 24.26
N HIS B 37 10.86 -18.47 24.57
CA HIS B 37 11.93 -19.39 24.20
C HIS B 37 11.58 -20.03 22.86
N ILE B 38 12.59 -20.55 22.17
CA ILE B 38 12.32 -21.20 20.88
C ILE B 38 11.31 -22.33 21.07
N LYS B 39 11.41 -23.08 22.17
CA LYS B 39 10.45 -24.14 22.43
C LYS B 39 9.03 -23.60 22.49
N ASP B 40 8.87 -22.39 23.03
CA ASP B 40 7.54 -21.77 23.03
C ASP B 40 7.08 -21.53 21.61
N ILE B 41 7.96 -21.00 20.76
CA ILE B 41 7.55 -20.62 19.40
C ILE B 41 7.10 -21.83 18.62
N LEU B 42 7.78 -22.97 18.77
CA LEU B 42 7.46 -24.17 18.03
C LEU B 42 6.44 -25.06 18.73
N SER B 43 5.91 -24.62 19.88
CA SER B 43 4.94 -25.39 20.65
C SER B 43 3.66 -25.70 19.85
N PRO B 44 2.99 -26.80 20.17
N PRO B 44 3.00 -26.82 20.16
CA PRO B 44 1.70 -27.09 19.51
CA PRO B 44 1.70 -27.09 19.51
C PRO B 44 0.63 -26.06 19.83
C PRO B 44 0.64 -26.05 19.83
N LEU B 45 0.81 -25.28 20.90
CA LEU B 45 -0.11 -24.18 21.19
C LEU B 45 -0.12 -23.15 20.08
N PHE B 46 0.97 -23.00 19.35
CA PHE B 46 1.06 -22.04 18.26
C PHE B 46 0.49 -22.57 16.95
N GLY B 47 0.29 -23.88 16.82
CA GLY B 47 -0.24 -24.46 15.61
C GLY B 47 0.23 -25.89 15.45
N THR B 48 -0.50 -26.65 14.63
CA THR B 48 -0.18 -28.06 14.36
C THR B 48 0.78 -28.09 13.19
N LEU B 49 2.07 -28.25 13.49
CA LEU B 49 3.11 -28.07 12.51
C LEU B 49 3.04 -29.13 11.42
N VAL B 50 3.17 -28.69 10.17
CA VAL B 50 3.22 -29.57 9.01
C VAL B 50 4.57 -29.47 8.31
N SER B 51 5.14 -28.28 8.23
N SER B 51 5.16 -28.29 8.26
CA SER B 51 6.48 -28.10 7.67
CA SER B 51 6.45 -28.08 7.62
C SER B 51 7.00 -26.76 8.13
C SER B 51 7.00 -26.75 8.14
N SER B 52 8.32 -26.58 8.03
CA SER B 52 8.93 -25.34 8.46
C SER B 52 10.19 -25.07 7.66
N ALA B 53 10.51 -23.78 7.50
CA ALA B 53 11.78 -23.32 6.97
C ALA B 53 12.50 -22.49 8.02
N GLN B 54 13.79 -22.74 8.19
CA GLN B 54 14.60 -22.03 9.17
C GLN B 54 15.69 -21.31 8.41
N PHE B 55 15.51 -20.00 8.23
CA PHE B 55 16.54 -19.16 7.62
C PHE B 55 17.47 -18.73 8.75
N ASN B 56 18.76 -18.90 8.56
CA ASN B 56 19.67 -18.44 9.60
C ASN B 56 21.09 -18.42 9.08
N TYR B 57 21.99 -18.08 9.99
CA TYR B 57 23.41 -17.93 9.71
C TYR B 57 24.23 -19.04 10.33
N CYS B 58 23.99 -19.36 11.61
N CYS B 58 23.98 -19.38 11.60
CA CYS B 58 24.67 -20.45 12.29
CA CYS B 58 24.67 -20.47 12.28
C CYS B 58 23.64 -21.45 12.82
C CYS B 58 23.65 -21.44 12.85
N PHE B 59 23.96 -22.73 12.74
CA PHE B 59 23.03 -23.80 13.12
C PHE B 59 23.73 -24.83 14.00
N ASP B 60 23.00 -25.33 14.98
CA ASP B 60 23.33 -26.58 15.67
C ASP B 60 22.12 -27.49 15.47
N VAL B 61 22.22 -28.41 14.51
CA VAL B 61 21.05 -29.15 14.06
C VAL B 61 20.55 -30.09 15.13
N ASP B 62 21.46 -30.77 15.83
N ASP B 62 21.46 -30.77 15.83
CA ASP B 62 21.04 -31.60 16.96
CA ASP B 62 21.08 -31.59 16.97
C ASP B 62 20.23 -30.78 17.96
C ASP B 62 20.26 -30.79 17.97
N TRP B 63 20.77 -29.62 18.37
CA TRP B 63 20.03 -28.75 19.29
C TRP B 63 18.71 -28.30 18.66
N LEU B 64 18.75 -27.87 17.40
CA LEU B 64 17.55 -27.36 16.73
C LEU B 64 16.42 -28.38 16.78
N VAL B 65 16.70 -29.62 16.37
CA VAL B 65 15.65 -30.63 16.30
C VAL B 65 15.03 -30.84 17.67
N LYS B 66 15.85 -30.78 18.72
CA LYS B 66 15.35 -30.96 20.08
C LYS B 66 14.44 -29.83 20.52
N GLN B 67 14.51 -28.66 19.88
CA GLN B 67 13.60 -27.58 20.23
C GLN B 67 12.19 -27.79 19.68
N TYR B 68 12.04 -28.59 18.64
CA TYR B 68 10.73 -28.92 18.15
C TYR B 68 10.06 -29.91 19.12
N PRO B 69 8.75 -29.81 19.29
CA PRO B 69 8.04 -30.80 20.08
C PRO B 69 8.22 -32.18 19.47
N PRO B 70 8.27 -33.22 20.30
CA PRO B 70 8.51 -34.57 19.75
C PRO B 70 7.57 -34.96 18.62
N GLU B 71 6.28 -34.62 18.74
CA GLU B 71 5.31 -34.98 17.71
C GLU B 71 5.56 -34.27 16.38
N PHE B 72 6.37 -33.21 16.37
CA PHE B 72 6.67 -32.48 15.13
C PHE B 72 8.09 -32.75 14.64
N ARG B 73 8.87 -33.55 15.36
CA ARG B 73 10.31 -33.61 15.10
C ARG B 73 10.66 -34.24 13.76
N LYS B 74 9.75 -34.97 13.14
CA LYS B 74 10.02 -35.54 11.82
C LYS B 74 9.33 -34.78 10.68
N LYS B 75 8.54 -33.75 10.96
CA LYS B 75 8.01 -32.92 9.89
C LYS B 75 9.17 -32.32 9.09
N PRO B 76 8.97 -32.09 7.79
CA PRO B 76 10.06 -31.55 6.96
C PRO B 76 10.55 -30.20 7.47
N ILE B 77 11.87 -30.00 7.40
CA ILE B 77 12.51 -28.76 7.79
C ILE B 77 13.47 -28.36 6.69
N LEU B 78 13.41 -27.09 6.28
CA LEU B 78 14.33 -26.54 5.29
C LEU B 78 15.28 -25.59 6.01
N LEU B 79 16.58 -25.91 5.94
CA LEU B 79 17.60 -25.01 6.44
C LEU B 79 18.08 -24.13 5.29
N VAL B 80 17.93 -22.82 5.44
CA VAL B 80 18.39 -21.85 4.45
C VAL B 80 19.62 -21.17 5.02
N HIS B 81 20.77 -21.36 4.36
CA HIS B 81 22.06 -20.96 4.89
C HIS B 81 22.90 -20.36 3.77
N GLY B 82 24.09 -19.89 4.11
CA GLY B 82 24.97 -19.30 3.11
C GLY B 82 26.38 -19.90 3.06
N ASP B 83 26.57 -21.06 3.68
CA ASP B 83 27.91 -21.64 3.80
C ASP B 83 28.41 -22.20 2.48
N LYS B 84 29.73 -22.11 2.27
CA LYS B 84 30.43 -22.70 1.13
C LYS B 84 31.53 -23.65 1.61
N ARG B 85 32.09 -24.39 0.64
CA ARG B 85 33.33 -25.17 0.77
C ARG B 85 33.23 -26.09 2.00
N GLU B 86 34.23 -26.09 2.90
CA GLU B 86 34.20 -27.02 4.03
C GLU B 86 33.05 -26.71 4.98
N ALA B 87 32.80 -25.41 5.21
CA ALA B 87 31.68 -25.01 6.04
C ALA B 87 30.38 -25.64 5.55
N LYS B 88 30.13 -25.57 4.24
CA LYS B 88 28.93 -26.18 3.67
C LYS B 88 28.91 -27.69 3.93
N ALA B 89 30.05 -28.35 3.72
CA ALA B 89 30.12 -29.78 4.00
C ALA B 89 29.77 -30.08 5.46
N HIS B 90 30.27 -29.26 6.39
CA HIS B 90 30.00 -29.53 7.80
C HIS B 90 28.51 -29.45 8.11
N LEU B 91 27.81 -28.48 7.53
CA LEU B 91 26.37 -28.37 7.81
C LEU B 91 25.61 -29.58 7.27
N HIS B 92 25.97 -30.05 6.07
CA HIS B 92 25.32 -31.25 5.53
C HIS B 92 25.55 -32.46 6.43
N ALA B 93 26.76 -32.58 6.98
CA ALA B 93 27.05 -33.64 7.94
C ALA B 93 26.14 -33.55 9.16
N GLN B 94 25.99 -32.33 9.71
CA GLN B 94 25.08 -32.14 10.84
C GLN B 94 23.69 -32.67 10.54
N ALA B 95 23.20 -32.41 9.32
CA ALA B 95 21.81 -32.73 8.99
C ALA B 95 21.61 -34.17 8.56
N LYS B 96 22.66 -34.84 8.06
CA LYS B 96 22.50 -36.18 7.50
C LYS B 96 21.69 -37.14 8.35
N PRO B 97 21.86 -37.22 9.68
CA PRO B 97 21.07 -38.21 10.45
C PRO B 97 19.57 -37.96 10.42
N TYR B 98 19.12 -36.78 10.00
CA TYR B 98 17.70 -36.44 9.99
C TYR B 98 17.22 -36.40 8.55
N GLU B 99 16.43 -37.42 8.18
CA GLU B 99 15.96 -37.57 6.80
C GLU B 99 14.99 -36.48 6.39
N ASN B 100 14.30 -35.85 7.35
CA ASN B 100 13.29 -34.85 7.08
C ASN B 100 13.85 -33.45 6.84
N ILE B 101 15.16 -33.30 6.87
CA ILE B 101 15.78 -31.98 6.84
C ILE B 101 16.43 -31.80 5.48
N SER B 102 15.98 -30.80 4.73
CA SER B 102 16.62 -30.42 3.48
C SER B 102 17.30 -29.07 3.66
N LEU B 103 18.25 -28.80 2.79
CA LEU B 103 19.08 -27.61 2.88
C LEU B 103 18.97 -26.79 1.59
N CYS B 104 19.06 -25.47 1.74
CA CYS B 104 19.07 -24.53 0.62
C CYS B 104 20.24 -23.59 0.81
N GLN B 105 21.14 -23.51 -0.17
CA GLN B 105 22.32 -22.68 -0.07
C GLN B 105 22.10 -21.37 -0.80
N ALA B 106 21.89 -20.30 -0.04
CA ALA B 106 21.65 -19.00 -0.65
C ALA B 106 22.89 -18.54 -1.38
N LYS B 107 22.72 -18.09 -2.62
CA LYS B 107 23.85 -17.64 -3.42
C LYS B 107 24.42 -16.35 -2.83
N LEU B 108 25.76 -16.28 -2.78
CA LEU B 108 26.50 -15.14 -2.24
C LEU B 108 27.54 -14.72 -3.28
N ASP B 109 27.07 -14.08 -4.34
CA ASP B 109 27.92 -13.78 -5.49
C ASP B 109 28.72 -12.51 -5.32
N ILE B 110 28.64 -11.84 -4.17
CA ILE B 110 29.51 -10.72 -3.84
C ILE B 110 30.37 -11.12 -2.66
N ALA B 111 31.63 -10.74 -2.70
CA ALA B 111 32.59 -11.14 -1.67
C ALA B 111 32.24 -10.52 -0.33
N PHE B 112 32.57 -11.26 0.74
CA PHE B 112 32.40 -10.82 2.12
C PHE B 112 30.95 -10.67 2.54
N GLY B 113 30.04 -11.36 1.85
CA GLY B 113 28.64 -11.35 2.19
C GLY B 113 28.25 -12.61 2.94
N THR B 114 27.21 -12.50 3.76
CA THR B 114 26.70 -13.65 4.49
C THR B 114 25.20 -13.74 4.32
N HIS B 115 24.67 -14.91 4.60
CA HIS B 115 23.24 -15.08 4.77
C HIS B 115 22.94 -14.85 6.25
N HIS B 116 22.68 -13.59 6.58
CA HIS B 116 22.51 -13.15 7.96
C HIS B 116 21.05 -13.17 8.44
N THR B 117 20.08 -13.23 7.51
CA THR B 117 18.67 -13.25 7.82
C THR B 117 18.29 -14.35 8.81
N LYS B 118 17.47 -14.00 9.81
CA LYS B 118 16.98 -14.97 10.79
C LYS B 118 15.46 -14.98 10.75
N MET B 119 14.90 -16.02 10.14
CA MET B 119 13.46 -16.08 9.96
C MET B 119 13.00 -17.52 10.05
N MET B 120 11.79 -17.69 10.56
CA MET B 120 11.07 -18.95 10.53
C MET B 120 9.82 -18.81 9.69
N LEU B 121 9.59 -19.78 8.82
CA LEU B 121 8.30 -19.95 8.17
C LEU B 121 7.68 -21.23 8.72
N LEU B 122 6.50 -21.12 9.32
CA LEU B 122 5.88 -22.25 10.00
C LEU B 122 4.51 -22.52 9.39
N LEU B 123 4.39 -23.65 8.69
CA LEU B 123 3.13 -24.05 8.06
C LEU B 123 2.40 -25.01 8.98
N TYR B 124 1.17 -24.65 9.33
CA TYR B 124 0.30 -25.47 10.16
C TYR B 124 -0.89 -25.97 9.37
N GLU B 125 -1.59 -26.93 9.98
CA GLU B 125 -2.90 -27.34 9.49
C GLU B 125 -3.89 -26.18 9.56
N GLU B 126 -3.68 -25.26 10.48
CA GLU B 126 -4.64 -24.19 10.74
C GLU B 126 -4.32 -22.89 10.01
N GLY B 127 -3.20 -22.82 9.30
CA GLY B 127 -2.75 -21.57 8.73
C GLY B 127 -1.23 -21.53 8.67
N LEU B 128 -0.69 -20.31 8.60
CA LEU B 128 0.73 -20.07 8.39
C LEU B 128 1.24 -18.98 9.34
N ARG B 129 2.47 -19.12 9.81
CA ARG B 129 3.08 -18.09 10.65
C ARG B 129 4.48 -17.74 10.17
N VAL B 130 4.83 -16.45 10.28
CA VAL B 130 6.14 -15.93 9.93
C VAL B 130 6.79 -15.39 11.20
N VAL B 131 8.03 -15.78 11.45
CA VAL B 131 8.79 -15.27 12.58
C VAL B 131 10.06 -14.62 12.05
N ILE B 132 10.27 -13.36 12.39
CA ILE B 132 11.49 -12.66 12.03
C ILE B 132 12.16 -12.27 13.34
N HIS B 133 13.42 -12.67 13.52
CA HIS B 133 14.04 -12.58 14.83
C HIS B 133 15.53 -12.33 14.64
N THR B 134 16.30 -12.37 15.74
CA THR B 134 17.70 -12.00 15.68
C THR B 134 18.65 -13.10 16.16
N SER B 135 18.16 -14.28 16.58
CA SER B 135 19.02 -15.30 17.16
C SER B 135 19.52 -16.34 16.16
N ASN B 136 20.79 -16.72 16.29
CA ASN B 136 21.25 -17.91 15.59
C ASN B 136 20.59 -19.13 16.21
N LEU B 137 20.64 -20.24 15.47
CA LEU B 137 20.00 -21.48 15.93
C LEU B 137 21.02 -22.34 16.67
N ILE B 138 21.54 -21.77 17.77
CA ILE B 138 22.45 -22.46 18.68
C ILE B 138 22.03 -22.16 20.11
N HIS B 139 22.43 -23.05 21.03
CA HIS B 139 21.96 -22.94 22.40
C HIS B 139 22.29 -21.58 23.00
N ALA B 140 23.52 -21.09 22.77
CA ALA B 140 23.97 -19.89 23.46
C ALA B 140 23.19 -18.65 23.05
N ASP B 141 22.66 -18.62 21.84
CA ASP B 141 21.94 -17.42 21.40
C ASP B 141 20.59 -17.27 22.09
N TRP B 142 20.06 -18.34 22.67
CA TRP B 142 18.79 -18.28 23.38
C TRP B 142 18.96 -18.41 24.89
N HIS B 143 20.18 -18.33 25.40
CA HIS B 143 20.42 -18.62 26.82
C HIS B 143 20.44 -17.35 27.66
N GLN B 144 21.47 -16.52 27.49
CA GLN B 144 21.64 -15.34 28.31
C GLN B 144 21.92 -14.09 27.48
N LYS B 145 21.35 -14.00 26.28
CA LYS B 145 21.50 -12.81 25.45
C LYS B 145 20.17 -12.06 25.35
N THR B 146 20.26 -10.77 25.04
CA THR B 146 19.08 -9.99 24.66
C THR B 146 18.87 -10.17 23.17
N GLN B 147 17.76 -10.80 22.80
CA GLN B 147 17.39 -11.05 21.41
C GLN B 147 15.96 -10.55 21.20
N GLY B 148 15.61 -10.27 19.94
CA GLY B 148 14.29 -9.78 19.60
C GLY B 148 13.56 -10.69 18.64
N ILE B 149 12.21 -10.69 18.74
CA ILE B 149 11.34 -11.56 17.95
C ILE B 149 10.10 -10.76 17.54
N TRP B 150 9.71 -10.88 16.28
CA TRP B 150 8.40 -10.44 15.80
C TRP B 150 7.62 -11.69 15.40
N LEU B 151 6.45 -11.88 16.02
CA LEU B 151 5.55 -12.97 15.66
C LEU B 151 4.43 -12.43 14.78
N SER B 152 4.29 -13.01 13.59
CA SER B 152 3.14 -12.69 12.74
C SER B 152 1.86 -13.25 13.36
N PRO B 153 0.70 -12.71 13.00
CA PRO B 153 -0.55 -13.41 13.34
C PRO B 153 -0.56 -14.78 12.68
N LEU B 154 -1.53 -15.59 13.09
CA LEU B 154 -1.85 -16.82 12.37
C LEU B 154 -2.57 -16.45 11.08
N TYR B 155 -1.94 -16.68 9.95
CA TYR B 155 -2.51 -16.34 8.66
C TYR B 155 -3.37 -17.49 8.17
N PRO B 156 -4.68 -17.30 7.97
CA PRO B 156 -5.51 -18.39 7.45
C PRO B 156 -5.24 -18.64 5.98
N ARG B 157 -5.54 -19.87 5.55
CA ARG B 157 -5.45 -20.19 4.13
C ARG B 157 -6.57 -19.49 3.38
N ILE B 158 -6.27 -19.05 2.16
CA ILE B 158 -7.32 -18.52 1.30
C ILE B 158 -8.09 -19.70 0.70
N ALA B 159 -9.42 -19.67 0.87
CA ALA B 159 -10.28 -20.76 0.44
C ALA B 159 -9.99 -21.21 -0.99
N ASP B 160 -10.27 -22.49 -1.25
CA ASP B 160 -10.28 -23.02 -2.60
C ASP B 160 -11.12 -22.14 -3.52
N GLY B 161 -10.65 -21.98 -4.76
CA GLY B 161 -11.39 -21.22 -5.76
C GLY B 161 -11.83 -19.81 -5.40
N THR B 162 -11.38 -19.30 -4.25
CA THR B 162 -11.59 -17.91 -3.87
C THR B 162 -10.43 -17.08 -4.39
N HIS B 163 -10.75 -15.98 -5.07
CA HIS B 163 -9.75 -15.08 -5.64
C HIS B 163 -9.70 -13.81 -4.81
N LYS B 164 -8.68 -13.72 -3.94
CA LYS B 164 -8.44 -12.49 -3.21
C LYS B 164 -6.93 -12.32 -3.05
N SER B 165 -6.50 -11.10 -2.78
CA SER B 165 -5.06 -10.88 -2.78
C SER B 165 -4.40 -11.40 -1.50
N GLY B 166 -5.14 -11.42 -0.40
CA GLY B 166 -4.50 -11.69 0.88
C GLY B 166 -3.44 -10.67 1.28
N GLU B 167 -3.48 -9.45 0.72
CA GLU B 167 -2.45 -8.46 0.95
C GLU B 167 -2.80 -7.55 2.12
N SER B 168 -1.76 -7.06 2.82
N SER B 168 -1.78 -7.06 2.80
CA SER B 168 -1.95 -6.14 3.92
CA SER B 168 -2.00 -6.14 3.91
C SER B 168 -1.81 -4.70 3.45
C SER B 168 -1.78 -4.71 3.47
N PRO B 169 -2.27 -3.72 4.25
CA PRO B 169 -1.97 -2.32 3.90
C PRO B 169 -0.49 -1.99 3.90
N THR B 170 0.36 -2.81 4.52
CA THR B 170 1.79 -2.56 4.45
C THR B 170 2.48 -3.28 3.28
N HIS B 171 1.72 -3.94 2.42
CA HIS B 171 2.26 -4.66 1.27
C HIS B 171 3.15 -5.83 1.69
N PHE B 172 2.95 -6.33 2.92
CA PHE B 172 3.88 -7.31 3.48
C PHE B 172 3.90 -8.60 2.67
N LYS B 173 2.74 -9.06 2.20
CA LYS B 173 2.69 -10.32 1.45
C LYS B 173 3.53 -10.24 0.17
N ALA B 174 3.24 -9.26 -0.70
CA ALA B 174 4.07 -9.10 -1.89
C ALA B 174 5.54 -8.91 -1.54
N ASP B 175 5.83 -8.15 -0.47
CA ASP B 175 7.23 -7.83 -0.14
C ASP B 175 7.99 -9.06 0.36
N LEU B 176 7.32 -9.92 1.15
CA LEU B 176 7.96 -11.16 1.57
C LEU B 176 8.22 -12.08 0.36
N ILE B 177 7.28 -12.15 -0.57
CA ILE B 177 7.50 -12.97 -1.76
C ILE B 177 8.66 -12.40 -2.57
N SER B 178 8.73 -11.07 -2.69
N SER B 178 8.73 -11.07 -2.68
CA SER B 178 9.83 -10.46 -3.43
CA SER B 178 9.83 -10.46 -3.43
C SER B 178 11.17 -10.79 -2.78
C SER B 178 11.18 -10.78 -2.78
N TYR B 179 11.24 -10.76 -1.44
CA TYR B 179 12.47 -11.14 -0.75
C TYR B 179 12.85 -12.58 -1.08
N LEU B 180 11.87 -13.49 -1.03
CA LEU B 180 12.19 -14.88 -1.31
C LEU B 180 12.55 -15.08 -2.78
N MET B 181 11.93 -14.29 -3.68
CA MET B 181 12.19 -14.47 -5.11
C MET B 181 13.64 -14.19 -5.43
N ALA B 182 14.26 -13.29 -4.67
CA ALA B 182 15.65 -12.89 -4.90
C ALA B 182 16.63 -14.04 -4.73
N TYR B 183 16.27 -15.06 -3.95
CA TYR B 183 17.16 -16.22 -3.79
C TYR B 183 17.24 -17.07 -5.06
N ASN B 184 16.21 -17.04 -5.90
CA ASN B 184 16.17 -17.88 -7.10
C ASN B 184 16.35 -19.36 -6.75
N ALA B 185 15.71 -19.80 -5.65
CA ALA B 185 15.95 -21.15 -5.19
C ALA B 185 14.72 -22.01 -5.37
N PRO B 186 14.88 -23.25 -5.85
CA PRO B 186 13.68 -24.11 -6.02
C PRO B 186 12.95 -24.40 -4.72
N SER B 187 13.66 -24.66 -3.60
CA SER B 187 12.95 -24.97 -2.35
C SER B 187 12.19 -23.76 -1.82
N LEU B 188 12.63 -22.55 -2.14
CA LEU B 188 11.93 -21.37 -1.69
C LEU B 188 10.74 -21.01 -2.59
N LYS B 189 10.85 -21.28 -3.89
CA LYS B 189 9.68 -21.12 -4.76
C LYS B 189 8.52 -21.93 -4.22
N GLU B 190 8.81 -23.10 -3.64
CA GLU B 190 7.80 -23.86 -2.92
C GLU B 190 7.19 -23.05 -1.78
N TRP B 191 8.03 -22.33 -1.03
CA TRP B 191 7.48 -21.56 0.08
C TRP B 191 6.74 -20.31 -0.43
N ILE B 192 7.18 -19.75 -1.57
CA ILE B 192 6.43 -18.66 -2.18
C ILE B 192 5.00 -19.11 -2.49
N ASP B 193 4.86 -20.32 -3.02
CA ASP B 193 3.53 -20.79 -3.37
C ASP B 193 2.65 -20.98 -2.14
N VAL B 194 3.24 -21.42 -1.03
CA VAL B 194 2.49 -21.53 0.22
C VAL B 194 2.02 -20.14 0.66
N ILE B 195 2.90 -19.16 0.60
CA ILE B 195 2.50 -17.82 1.02
C ILE B 195 1.37 -17.30 0.13
N HIS B 196 1.47 -17.52 -1.18
CA HIS B 196 0.41 -17.10 -2.10
C HIS B 196 -0.95 -17.62 -1.68
N LYS B 197 -1.00 -18.84 -1.12
CA LYS B 197 -2.29 -19.40 -0.74
C LYS B 197 -2.77 -18.95 0.64
N HIS B 198 -2.08 -18.02 1.31
CA HIS B 198 -2.55 -17.58 2.61
C HIS B 198 -2.88 -16.09 2.63
N ASP B 199 -3.73 -15.73 3.60
CA ASP B 199 -4.23 -14.38 3.79
C ASP B 199 -3.38 -13.68 4.83
N LEU B 200 -2.53 -12.76 4.39
CA LEU B 200 -1.66 -12.02 5.29
C LEU B 200 -2.16 -10.60 5.53
N SER B 201 -3.46 -10.36 5.28
CA SER B 201 -3.97 -8.99 5.30
C SER B 201 -3.86 -8.34 6.67
N GLU B 202 -3.78 -9.12 7.76
CA GLU B 202 -3.72 -8.52 9.09
C GLU B 202 -2.35 -7.98 9.46
N THR B 203 -1.32 -8.15 8.62
CA THR B 203 0.03 -7.74 8.97
C THR B 203 0.14 -6.21 9.02
N ASN B 204 0.60 -5.69 10.16
N ASN B 204 0.60 -5.67 10.14
CA ASN B 204 0.72 -4.25 10.39
CA ASN B 204 0.72 -4.23 10.27
C ASN B 204 2.15 -3.75 10.40
C ASN B 204 2.17 -3.76 10.42
N VAL B 205 3.14 -4.59 10.05
CA VAL B 205 4.53 -4.17 9.94
C VAL B 205 4.93 -4.14 8.48
N TYR B 206 5.97 -3.34 8.19
CA TYR B 206 6.62 -3.30 6.89
C TYR B 206 7.89 -4.15 6.89
N LEU B 207 8.10 -4.88 5.80
CA LEU B 207 9.30 -5.70 5.65
C LEU B 207 10.46 -4.84 5.16
N ILE B 208 11.64 -5.00 5.77
CA ILE B 208 12.84 -4.32 5.29
C ILE B 208 13.91 -5.39 5.11
N GLY B 209 14.21 -5.73 3.87
CA GLY B 209 15.15 -6.78 3.55
C GLY B 209 16.39 -6.26 2.87
N SER B 210 17.47 -7.03 2.97
CA SER B 210 18.67 -6.82 2.18
C SER B 210 18.93 -8.11 1.43
N THR B 211 19.30 -8.01 0.15
CA THR B 211 19.75 -9.15 -0.65
C THR B 211 20.97 -8.70 -1.44
N PRO B 212 21.90 -9.62 -1.74
CA PRO B 212 23.14 -9.19 -2.39
C PRO B 212 22.85 -8.68 -3.79
N GLY B 213 23.59 -7.67 -4.21
CA GLY B 213 23.50 -7.24 -5.59
C GLY B 213 23.93 -5.79 -5.75
N ARG B 214 23.74 -5.30 -6.97
N ARG B 214 23.73 -5.29 -6.97
CA ARG B 214 23.99 -3.90 -7.32
CA ARG B 214 23.99 -3.91 -7.32
C ARG B 214 22.72 -3.37 -7.95
C ARG B 214 22.71 -3.37 -7.95
N PHE B 215 22.04 -2.45 -7.26
CA PHE B 215 20.70 -2.04 -7.62
C PHE B 215 20.69 -0.62 -8.17
N GLN B 216 20.11 -0.46 -9.35
CA GLN B 216 20.07 0.82 -10.05
C GLN B 216 18.63 1.30 -10.13
N GLY B 217 18.47 2.63 -10.19
CA GLY B 217 17.20 3.34 -10.22
C GLY B 217 15.92 2.54 -10.17
N SER B 218 15.04 2.88 -9.23
CA SER B 218 13.81 2.14 -8.90
C SER B 218 14.14 0.95 -8.01
N GLN B 219 14.90 -0.02 -8.55
CA GLN B 219 15.26 -1.18 -7.72
C GLN B 219 16.11 -0.79 -6.53
N LYS B 220 16.75 0.39 -6.58
CA LYS B 220 17.47 0.91 -5.42
C LYS B 220 16.57 0.95 -4.19
N ASP B 221 15.29 1.26 -4.37
CA ASP B 221 14.37 1.43 -3.24
C ASP B 221 13.91 0.10 -2.66
N ASN B 222 14.36 -1.01 -3.22
CA ASN B 222 13.85 -2.31 -2.78
C ASN B 222 14.51 -2.79 -1.50
N TRP B 223 15.74 -2.37 -1.22
CA TRP B 223 16.54 -3.07 -0.22
C TRP B 223 17.34 -2.10 0.64
N GLY B 224 17.76 -2.61 1.81
CA GLY B 224 18.75 -1.90 2.60
C GLY B 224 18.26 -0.54 3.08
N HIS B 225 19.22 0.40 3.21
CA HIS B 225 18.87 1.68 3.82
C HIS B 225 18.03 2.55 2.87
N PHE B 226 18.08 2.28 1.55
CA PHE B 226 17.17 2.96 0.64
C PHE B 226 15.74 2.48 0.81
N ARG B 227 15.57 1.18 1.11
CA ARG B 227 14.23 0.70 1.42
C ARG B 227 13.67 1.42 2.64
N LEU B 228 14.47 1.54 3.70
CA LEU B 228 14.03 2.28 4.88
C LEU B 228 13.66 3.70 4.51
N LYS B 229 14.50 4.37 3.73
CA LYS B 229 14.24 5.76 3.36
C LYS B 229 12.94 5.87 2.58
N LYS B 230 12.71 4.94 1.66
CA LYS B 230 11.49 5.00 0.85
C LYS B 230 10.26 4.85 1.73
N LEU B 231 10.30 3.94 2.71
CA LEU B 231 9.17 3.74 3.61
C LEU B 231 8.94 4.97 4.48
N LEU B 232 10.00 5.57 5.02
CA LEU B 232 9.81 6.73 5.87
C LEU B 232 9.23 7.92 5.08
N LYS B 233 9.68 8.07 3.84
CA LYS B 233 9.14 9.13 2.98
C LYS B 233 7.66 8.92 2.70
N ASP B 234 7.25 7.68 2.40
CA ASP B 234 5.88 7.45 1.95
C ASP B 234 4.89 7.31 3.08
N HIS B 235 5.33 6.90 4.27
CA HIS B 235 4.43 6.43 5.31
C HIS B 235 4.68 7.04 6.68
N ALA B 236 5.69 7.89 6.82
CA ALA B 236 5.88 8.69 8.01
C ALA B 236 5.65 10.16 7.67
N SER B 237 5.39 10.96 8.70
CA SER B 237 5.21 12.40 8.55
C SER B 237 6.28 13.14 9.32
N SER B 238 6.76 14.25 8.75
CA SER B 238 7.73 15.09 9.46
C SER B 238 6.99 16.02 10.41
N MET B 239 7.50 16.13 11.63
CA MET B 239 6.91 16.95 12.69
C MET B 239 7.69 18.25 12.85
N PRO B 240 7.13 19.23 13.57
CA PRO B 240 7.91 20.43 13.86
C PRO B 240 9.13 20.09 14.71
N ASN B 241 10.26 20.69 14.36
CA ASN B 241 11.52 20.49 15.09
C ASN B 241 11.98 19.04 15.00
N ALA B 242 11.81 18.45 13.81
CA ALA B 242 12.33 17.11 13.56
C ALA B 242 13.84 17.06 13.73
N GLU B 243 14.53 18.19 13.51
CA GLU B 243 15.97 18.30 13.71
C GLU B 243 16.39 17.83 15.09
N SER B 244 15.49 17.93 16.08
CA SER B 244 15.81 17.58 17.45
C SER B 244 15.43 16.14 17.81
N TRP B 245 14.75 15.42 16.92
CA TRP B 245 14.41 14.02 17.14
C TRP B 245 15.65 13.18 16.83
N PRO B 246 16.33 12.63 17.83
CA PRO B 246 17.56 11.87 17.58
C PRO B 246 17.30 10.63 16.75
N VAL B 247 18.38 10.03 16.26
CA VAL B 247 18.37 8.70 15.67
C VAL B 247 19.17 7.79 16.60
N VAL B 248 18.64 6.60 16.88
CA VAL B 248 19.31 5.61 17.72
C VAL B 248 19.56 4.36 16.90
N GLY B 249 20.80 3.89 16.89
CA GLY B 249 21.15 2.60 16.30
C GLY B 249 21.82 1.73 17.33
N GLN B 250 21.40 0.46 17.39
CA GLN B 250 21.79 -0.46 18.45
C GLN B 250 22.09 -1.81 17.79
N PHE B 251 23.29 -2.36 18.02
CA PHE B 251 23.76 -3.46 17.19
C PHE B 251 24.83 -4.25 17.94
N SER B 252 25.21 -5.40 17.39
CA SER B 252 26.20 -6.26 18.02
C SER B 252 27.50 -6.40 17.23
N SER B 253 27.62 -5.73 16.09
N SER B 253 27.63 -5.74 16.09
CA SER B 253 28.85 -5.76 15.30
CA SER B 253 28.91 -5.71 15.40
C SER B 253 28.95 -4.46 14.51
C SER B 253 28.97 -4.45 14.54
N VAL B 254 30.18 -4.11 14.13
CA VAL B 254 30.43 -2.91 13.32
C VAL B 254 31.34 -3.30 12.18
N GLY B 255 31.01 -2.85 10.97
CA GLY B 255 31.88 -3.05 9.82
C GLY B 255 32.80 -1.86 9.62
N SER B 256 33.58 -1.93 8.54
N SER B 256 33.60 -1.95 8.56
CA SER B 256 34.51 -0.85 8.19
CA SER B 256 34.49 -0.85 8.17
C SER B 256 33.71 0.27 7.51
C SER B 256 33.66 0.26 7.54
N LEU B 257 33.59 1.41 8.20
CA LEU B 257 32.71 2.47 7.74
C LEU B 257 33.43 3.57 6.98
N GLY B 258 34.75 3.64 7.05
CA GLY B 258 35.53 4.61 6.30
C GLY B 258 36.39 5.47 7.21
N ALA B 259 37.17 6.34 6.56
CA ALA B 259 38.18 7.13 7.27
C ALA B 259 37.57 8.23 8.13
N ASP B 260 36.34 8.66 7.85
CA ASP B 260 35.63 9.58 8.73
C ASP B 260 34.13 9.41 8.51
N GLU B 261 33.35 10.12 9.33
CA GLU B 261 31.91 9.94 9.32
C GLU B 261 31.26 10.35 8.00
N SER B 262 31.93 11.18 7.20
CA SER B 262 31.32 11.65 5.96
C SER B 262 31.32 10.61 4.86
N LYS B 263 32.12 9.55 4.97
CA LYS B 263 32.21 8.62 3.85
C LYS B 263 30.98 7.73 3.73
N TRP B 264 30.29 7.46 4.84
CA TRP B 264 29.10 6.62 4.75
C TRP B 264 28.13 6.85 5.91
N LEU B 265 28.66 6.89 7.15
CA LEU B 265 27.81 6.87 8.32
C LEU B 265 26.90 8.09 8.38
N CYS B 266 27.47 9.29 8.39
CA CYS B 266 26.68 10.52 8.48
C CYS B 266 26.30 11.08 7.12
N SER B 267 26.78 10.49 6.03
CA SER B 267 26.30 10.91 4.73
C SER B 267 25.07 10.07 4.38
N GLU B 268 25.25 8.95 3.69
CA GLU B 268 24.08 8.27 3.14
C GLU B 268 23.29 7.50 4.21
N PHE B 269 23.96 6.87 5.17
CA PHE B 269 23.24 6.08 6.16
C PHE B 269 22.37 6.96 7.05
N LYS B 270 22.95 8.01 7.62
CA LYS B 270 22.16 8.89 8.46
C LYS B 270 21.08 9.60 7.65
N GLU B 271 21.38 9.95 6.39
CA GLU B 271 20.39 10.64 5.58
C GLU B 271 19.14 9.79 5.41
N SER B 272 19.32 8.49 5.16
CA SER B 272 18.19 7.60 5.04
C SER B 272 17.42 7.52 6.35
N MET B 273 18.14 7.47 7.46
CA MET B 273 17.56 7.29 8.79
C MET B 273 16.80 8.52 9.25
N LEU B 274 17.20 9.71 8.80
N LEU B 274 17.18 9.71 8.81
CA LEU B 274 16.56 10.96 9.15
CA LEU B 274 16.48 10.92 9.25
C LEU B 274 15.24 11.17 8.43
C LEU B 274 15.33 11.30 8.33
N THR B 275 15.07 10.52 7.28
CA THR B 275 13.94 10.78 6.41
C THR B 275 12.61 10.69 7.16
N LEU B 276 11.76 11.69 6.93
CA LEU B 276 10.36 11.67 7.34
C LEU B 276 9.57 12.47 6.32
N GLY B 277 8.48 11.89 5.81
CA GLY B 277 7.59 12.63 4.92
C GLY B 277 8.18 12.83 3.52
N LYS B 278 7.39 13.51 2.68
CA LYS B 278 7.68 13.60 1.26
C LYS B 278 8.36 14.91 0.86
N GLU B 279 8.58 15.82 1.80
CA GLU B 279 9.27 17.07 1.48
C GLU B 279 10.77 16.85 1.43
N SER B 280 11.45 17.79 0.77
CA SER B 280 12.90 17.71 0.60
C SER B 280 13.62 18.49 1.70
N SER B 286 23.21 18.06 8.38
CA SER B 286 22.18 17.88 9.39
C SER B 286 22.76 18.00 10.79
N SER B 287 21.94 18.42 11.75
CA SER B 287 22.33 18.50 13.16
C SER B 287 21.60 17.48 14.02
N VAL B 288 21.05 16.44 13.41
CA VAL B 288 20.37 15.42 14.21
C VAL B 288 21.39 14.67 15.05
N PRO B 289 21.17 14.51 16.35
CA PRO B 289 22.08 13.68 17.15
C PRO B 289 21.93 12.21 16.77
N LEU B 290 23.05 11.50 16.79
CA LEU B 290 23.06 10.08 16.49
C LEU B 290 23.64 9.34 17.69
N TYR B 291 22.87 8.40 18.23
CA TYR B 291 23.23 7.61 19.39
C TYR B 291 23.50 6.19 18.94
N LEU B 292 24.73 5.73 19.06
CA LEU B 292 25.04 4.34 18.74
C LEU B 292 25.19 3.56 20.04
N ILE B 293 24.48 2.45 20.16
CA ILE B 293 24.51 1.64 21.38
C ILE B 293 25.26 0.35 21.09
N TYR B 294 26.38 0.16 21.77
CA TYR B 294 27.26 -0.97 21.52
C TYR B 294 28.02 -1.30 22.80
N PRO B 295 28.02 -2.56 23.24
CA PRO B 295 28.59 -2.90 24.56
C PRO B 295 30.04 -2.47 24.71
N SER B 296 30.34 -1.84 25.84
CA SER B 296 31.73 -1.59 26.22
C SER B 296 32.38 -2.87 26.71
N VAL B 297 33.71 -2.83 26.86
CA VAL B 297 34.42 -3.94 27.48
C VAL B 297 33.86 -4.23 28.87
N GLU B 298 33.58 -3.17 29.65
N GLU B 298 33.58 -3.17 29.65
CA GLU B 298 33.06 -3.35 31.00
CA GLU B 298 33.06 -3.36 31.00
C GLU B 298 31.68 -4.00 30.97
C GLU B 298 31.68 -4.01 30.96
N ASN B 299 30.83 -3.60 30.03
CA ASN B 299 29.52 -4.26 29.86
C ASN B 299 29.70 -5.75 29.66
N VAL B 300 30.64 -6.12 28.78
CA VAL B 300 30.88 -7.53 28.49
C VAL B 300 31.50 -8.22 29.70
N ARG B 301 32.51 -7.58 30.31
CA ARG B 301 33.21 -8.19 31.45
C ARG B 301 32.26 -8.60 32.56
N THR B 302 31.30 -7.73 32.91
CA THR B 302 30.40 -8.05 34.01
C THR B 302 29.08 -8.68 33.57
N SER B 303 28.96 -9.11 32.32
CA SER B 303 27.73 -9.71 31.80
C SER B 303 27.45 -11.07 32.46
N LEU B 304 26.25 -11.60 32.22
CA LEU B 304 25.94 -12.94 32.69
C LEU B 304 26.93 -13.97 32.15
N GLU B 305 27.42 -13.79 30.94
CA GLU B 305 28.33 -14.74 30.33
C GLU B 305 29.79 -14.44 30.58
N GLY B 306 30.11 -13.20 30.98
CA GLY B 306 31.47 -12.76 31.05
C GLY B 306 32.02 -12.51 29.66
N TYR B 307 33.34 -12.56 29.59
CA TYR B 307 34.02 -12.32 28.32
C TYR B 307 33.53 -13.21 27.17
N PRO B 308 33.14 -14.46 27.38
CA PRO B 308 32.63 -15.26 26.24
C PRO B 308 31.41 -14.65 25.56
N ALA B 309 30.73 -13.69 26.16
CA ALA B 309 29.69 -13.00 25.40
C ALA B 309 30.30 -12.26 24.22
N GLY B 310 31.55 -11.82 24.35
CA GLY B 310 32.22 -11.12 23.28
C GLY B 310 32.54 -11.97 22.07
N GLY B 311 32.36 -13.29 22.17
CA GLY B 311 32.46 -14.13 20.98
C GLY B 311 31.36 -13.88 19.98
N SER B 312 30.25 -13.30 20.43
CA SER B 312 29.14 -12.90 19.55
C SER B 312 29.09 -11.39 19.32
N LEU B 313 30.20 -10.71 19.57
CA LEU B 313 30.32 -9.27 19.32
C LEU B 313 31.58 -9.04 18.50
N PRO B 314 31.57 -9.44 17.22
CA PRO B 314 32.81 -9.61 16.45
C PRO B 314 33.34 -8.34 15.80
N TYR B 315 33.50 -7.29 16.61
CA TYR B 315 34.23 -6.10 16.22
C TYR B 315 35.72 -6.39 16.30
N SER B 316 36.41 -6.38 15.16
CA SER B 316 37.82 -6.75 15.10
C SER B 316 38.71 -5.53 15.29
N ILE B 317 39.89 -5.74 15.88
CA ILE B 317 40.82 -4.64 16.12
C ILE B 317 41.28 -4.03 14.79
N GLN B 318 41.45 -4.87 13.77
CA GLN B 318 41.88 -4.38 12.46
C GLN B 318 40.92 -3.32 11.94
N THR B 319 39.62 -3.58 12.06
CA THR B 319 38.62 -2.61 11.62
C THR B 319 38.57 -1.40 12.56
N ALA B 320 38.55 -1.67 13.88
CA ALA B 320 38.35 -0.59 14.84
C ALA B 320 39.44 0.48 14.76
N GLU B 321 40.69 0.06 14.62
CA GLU B 321 41.77 1.03 14.63
C GLU B 321 41.77 1.93 13.40
N LYS B 322 41.04 1.56 12.34
CA LYS B 322 40.87 2.43 11.19
C LYS B 322 39.88 3.56 11.42
N GLN B 323 39.04 3.45 12.45
CA GLN B 323 37.87 4.31 12.56
C GLN B 323 37.61 4.70 14.00
N ASN B 324 38.66 5.13 14.71
CA ASN B 324 38.47 5.52 16.10
C ASN B 324 37.56 6.73 16.23
N TRP B 325 37.34 7.48 15.14
CA TRP B 325 36.37 8.56 15.17
C TRP B 325 34.98 8.05 15.55
N LEU B 326 34.65 6.82 15.17
CA LEU B 326 33.30 6.30 15.39
C LEU B 326 32.96 6.17 16.87
N HIS B 327 33.93 5.84 17.70
CA HIS B 327 33.64 5.49 19.09
C HIS B 327 33.17 6.67 19.93
N SER B 328 33.35 7.91 19.47
N SER B 328 33.34 7.91 19.46
CA SER B 328 32.75 9.05 20.16
CA SER B 328 32.76 9.06 20.13
C SER B 328 31.24 9.09 20.01
C SER B 328 31.24 9.04 20.06
N TYR B 329 30.67 8.24 19.17
CA TYR B 329 29.23 8.07 19.05
C TYR B 329 28.70 6.97 19.96
N PHE B 330 29.58 6.23 20.66
CA PHE B 330 29.18 4.98 21.30
C PHE B 330 28.60 5.22 22.69
N HIS B 331 27.52 4.50 22.97
CA HIS B 331 26.82 4.53 24.25
C HIS B 331 26.74 3.12 24.81
N LYS B 332 26.78 3.03 26.15
CA LYS B 332 26.78 1.77 26.86
C LYS B 332 25.49 0.98 26.63
N TRP B 333 25.59 -0.34 26.80
CA TRP B 333 24.40 -1.17 26.84
C TRP B 333 23.80 -1.11 28.25
N SER B 334 22.54 -0.72 28.34
CA SER B 334 21.85 -0.65 29.62
C SER B 334 20.39 -1.00 29.36
N ALA B 335 19.85 -1.93 30.14
CA ALA B 335 18.50 -2.40 29.87
C ALA B 335 17.80 -2.75 31.18
N GLU B 336 17.87 -1.83 32.15
CA GLU B 336 17.15 -2.01 33.40
C GLU B 336 15.66 -2.18 33.16
N THR B 337 15.11 -1.52 32.14
CA THR B 337 13.68 -1.60 31.88
C THR B 337 13.23 -3.05 31.64
N SER B 338 14.08 -3.89 31.06
CA SER B 338 13.74 -5.29 30.84
C SER B 338 14.64 -6.23 31.63
N GLY B 339 15.33 -5.71 32.65
CA GLY B 339 16.18 -6.53 33.50
C GLY B 339 17.31 -7.21 32.77
N ARG B 340 17.83 -6.58 31.72
CA ARG B 340 18.75 -7.28 30.81
C ARG B 340 20.06 -6.53 30.61
N SER B 341 20.41 -5.63 31.54
CA SER B 341 21.69 -4.94 31.42
C SER B 341 22.86 -5.92 31.35
N ASN B 342 22.72 -7.10 31.97
CA ASN B 342 23.80 -8.10 31.99
C ASN B 342 23.63 -9.17 30.93
N ALA B 343 22.59 -9.08 30.11
CA ALA B 343 22.35 -10.04 29.01
C ALA B 343 22.77 -9.33 27.73
N MET B 344 23.97 -9.66 27.25
CA MET B 344 24.56 -8.85 26.17
C MET B 344 23.67 -8.87 24.94
N PRO B 345 23.61 -7.76 24.19
CA PRO B 345 22.67 -7.67 23.07
C PRO B 345 23.18 -8.42 21.85
N HIS B 346 22.32 -9.28 21.33
CA HIS B 346 22.46 -9.79 19.97
C HIS B 346 21.30 -9.29 19.09
N ILE B 347 20.24 -8.74 19.69
CA ILE B 347 19.24 -7.98 18.95
C ILE B 347 19.91 -6.79 18.27
N LYS B 348 19.34 -6.36 17.13
CA LYS B 348 19.73 -5.10 16.50
C LYS B 348 18.48 -4.26 16.28
N THR B 349 18.55 -2.98 16.66
CA THR B 349 17.36 -2.13 16.52
C THR B 349 17.78 -0.73 16.10
N TYR B 350 16.85 -0.04 15.42
CA TYR B 350 17.02 1.34 14.96
C TYR B 350 15.72 2.08 15.19
N MET B 351 15.79 3.34 15.61
CA MET B 351 14.55 4.02 15.96
C MET B 351 14.77 5.53 16.05
N ARG B 352 13.65 6.26 16.14
CA ARG B 352 13.61 7.72 16.03
C ARG B 352 12.84 8.27 17.23
N PRO B 353 13.50 8.40 18.38
CA PRO B 353 12.84 8.95 19.57
C PRO B 353 12.67 10.46 19.48
N SER B 354 11.71 10.96 20.26
CA SER B 354 11.54 12.40 20.41
C SER B 354 12.68 12.97 21.27
N PRO B 355 12.84 14.31 21.30
CA PRO B 355 14.00 14.88 22.00
C PRO B 355 14.06 14.55 23.48
N ASP B 356 12.94 14.22 24.13
CA ASP B 356 12.98 13.75 25.51
C ASP B 356 12.76 12.25 25.63
N PHE B 357 12.82 11.51 24.52
CA PHE B 357 12.75 10.04 24.52
C PHE B 357 11.45 9.50 25.09
N SER B 358 10.40 10.31 25.14
CA SER B 358 9.11 9.80 25.62
C SER B 358 8.27 9.23 24.50
N LYS B 359 8.61 9.55 23.26
CA LYS B 359 7.88 9.12 22.07
C LYS B 359 8.88 8.61 21.05
N ILE B 360 8.40 7.80 20.10
CA ILE B 360 9.21 7.44 18.93
C ILE B 360 8.36 7.53 17.67
N ALA B 361 9.01 7.95 16.58
CA ALA B 361 8.39 8.08 15.27
C ALA B 361 8.35 6.76 14.51
N TRP B 362 9.24 5.83 14.83
CA TRP B 362 9.22 4.49 14.25
C TRP B 362 10.23 3.63 15.00
N PHE B 363 10.16 2.32 14.75
CA PHE B 363 11.05 1.35 15.41
C PHE B 363 11.28 0.20 14.44
N LEU B 364 12.54 -0.20 14.30
CA LEU B 364 12.95 -1.30 13.43
C LEU B 364 13.69 -2.34 14.25
N VAL B 365 13.32 -3.61 14.12
CA VAL B 365 14.12 -4.71 14.63
C VAL B 365 14.56 -5.52 13.42
N THR B 366 15.82 -5.92 13.40
CA THR B 366 16.42 -6.46 12.18
C THR B 366 17.62 -7.32 12.56
N SER B 367 18.08 -8.11 11.59
CA SER B 367 19.36 -8.80 11.72
C SER B 367 20.53 -7.92 11.38
N ALA B 368 20.31 -6.70 10.87
CA ALA B 368 21.37 -5.90 10.28
C ALA B 368 22.20 -5.18 11.36
N ASN B 369 23.46 -5.56 11.48
CA ASN B 369 24.43 -4.80 12.25
C ASN B 369 24.80 -3.51 11.51
N LEU B 370 25.67 -2.71 12.11
CA LEU B 370 26.06 -1.43 11.52
C LEU B 370 27.21 -1.68 10.54
N SER B 371 26.85 -2.08 9.32
CA SER B 371 27.83 -2.33 8.28
C SER B 371 27.27 -1.93 6.93
N LYS B 372 28.19 -1.59 6.03
CA LYS B 372 27.80 -1.36 4.64
C LYS B 372 27.36 -2.65 3.96
N ALA B 373 27.96 -3.79 4.32
CA ALA B 373 27.57 -5.04 3.69
C ALA B 373 26.10 -5.34 3.93
N ALA B 374 25.59 -4.97 5.11
CA ALA B 374 24.22 -5.26 5.50
C ALA B 374 23.24 -4.21 5.00
N TRP B 375 23.61 -2.93 5.03
CA TRP B 375 22.67 -1.86 4.72
C TRP B 375 22.79 -1.34 3.30
N GLY B 376 23.92 -1.56 2.63
CA GLY B 376 24.15 -1.05 1.29
C GLY B 376 25.06 0.16 1.28
N ALA B 377 25.89 0.25 0.25
CA ALA B 377 26.74 1.42 0.02
C ALA B 377 26.58 1.87 -1.43
N LEU B 378 26.46 3.18 -1.61
CA LEU B 378 26.25 3.71 -2.95
C LEU B 378 27.52 3.60 -3.78
N GLU B 379 27.35 3.23 -5.04
CA GLU B 379 28.46 3.08 -5.96
C GLU B 379 28.22 3.91 -7.20
N LYS B 380 29.31 4.13 -7.95
CA LYS B 380 29.30 4.79 -9.24
C LYS B 380 28.47 6.08 -9.19
N ASN B 381 29.01 7.01 -8.42
CA ASN B 381 28.46 8.35 -8.21
C ASN B 381 26.95 8.32 -8.00
N GLY B 382 26.55 7.52 -7.01
CA GLY B 382 25.18 7.53 -6.54
C GLY B 382 24.18 6.76 -7.35
N THR B 383 24.61 6.14 -8.47
CA THR B 383 23.64 5.46 -9.33
C THR B 383 23.32 4.05 -8.85
N GLN B 384 24.24 3.42 -8.12
CA GLN B 384 24.15 2.00 -7.80
C GLN B 384 24.25 1.80 -6.30
N LEU B 385 23.34 1.01 -5.74
CA LEU B 385 23.42 0.62 -4.34
C LEU B 385 23.94 -0.82 -4.28
N MET B 386 25.11 -1.00 -3.69
CA MET B 386 25.70 -2.32 -3.59
C MET B 386 25.46 -2.89 -2.18
N ILE B 387 24.87 -4.08 -2.13
CA ILE B 387 24.64 -4.81 -0.89
C ILE B 387 25.31 -6.17 -1.00
N ARG B 388 25.93 -6.61 0.09
CA ARG B 388 26.65 -7.88 0.08
C ARG B 388 25.88 -9.03 0.71
N SER B 389 24.97 -8.77 1.65
CA SER B 389 24.42 -9.81 2.51
C SER B 389 22.91 -9.89 2.42
N TYR B 390 22.39 -11.05 2.84
CA TYR B 390 20.97 -11.19 3.17
C TYR B 390 20.74 -10.70 4.60
N GLU B 391 19.79 -9.76 4.77
CA GLU B 391 19.34 -9.28 6.08
C GLU B 391 17.83 -9.11 6.03
N LEU B 392 17.21 -9.02 7.19
CA LEU B 392 15.76 -8.90 7.23
C LEU B 392 15.33 -8.36 8.58
N GLY B 393 14.35 -7.45 8.56
CA GLY B 393 13.72 -6.92 9.76
C GLY B 393 12.33 -6.41 9.46
N VAL B 394 11.64 -5.94 10.51
CA VAL B 394 10.30 -5.39 10.35
C VAL B 394 10.28 -3.99 10.94
N LEU B 395 9.57 -3.10 10.27
CA LEU B 395 9.46 -1.70 10.66
C LEU B 395 8.07 -1.45 11.24
N PHE B 396 8.04 -0.84 12.42
CA PHE B 396 6.82 -0.42 13.08
C PHE B 396 6.63 1.07 12.80
N LEU B 397 5.58 1.41 12.03
CA LEU B 397 5.21 2.81 11.79
C LEU B 397 3.90 3.16 12.46
N PRO B 398 3.85 4.28 13.20
CA PRO B 398 2.59 4.69 13.85
C PRO B 398 1.41 4.75 12.89
N SER B 399 1.60 5.18 11.64
CA SER B 399 0.48 5.22 10.69
C SER B 399 -0.15 3.83 10.52
N ALA B 400 0.67 2.77 10.48
CA ALA B 400 0.12 1.43 10.28
C ALA B 400 -0.77 1.00 11.44
N PHE B 401 -0.74 1.74 12.54
CA PHE B 401 -1.52 1.44 13.73
C PHE B 401 -2.54 2.53 14.01
N GLY B 402 -2.72 3.47 13.09
CA GLY B 402 -3.66 4.56 13.30
C GLY B 402 -3.17 5.60 14.29
N LEU B 403 -1.86 5.74 14.44
CA LEU B 403 -1.26 6.64 15.41
C LEU B 403 -0.38 7.65 14.71
N ASP B 404 -0.13 8.77 15.38
CA ASP B 404 0.89 9.70 14.91
C ASP B 404 2.28 9.38 15.44
N SER B 405 2.35 8.71 16.59
CA SER B 405 3.62 8.30 17.16
C SER B 405 3.33 7.24 18.22
N PHE B 406 4.38 6.56 18.65
CA PHE B 406 4.28 5.56 19.70
C PHE B 406 4.77 6.15 21.01
N LYS B 407 4.02 5.92 22.09
CA LYS B 407 4.55 6.18 23.42
C LYS B 407 5.53 5.09 23.81
N VAL B 408 6.57 5.44 24.53
CA VAL B 408 7.57 4.48 24.99
C VAL B 408 7.08 3.85 26.29
N LYS B 409 6.95 2.53 26.30
CA LYS B 409 6.58 1.81 27.50
C LYS B 409 7.63 2.05 28.58
N GLN B 410 7.17 2.38 29.79
CA GLN B 410 8.11 2.77 30.84
C GLN B 410 8.88 1.58 31.37
N LYS B 411 8.17 0.54 31.80
CA LYS B 411 8.76 -0.73 32.18
C LYS B 411 8.37 -1.77 31.14
N PHE B 412 9.37 -2.48 30.60
CA PHE B 412 9.16 -3.31 29.42
C PHE B 412 8.10 -4.38 29.66
N PHE B 413 8.07 -4.95 30.86
CA PHE B 413 7.13 -6.03 31.20
C PHE B 413 5.95 -5.53 32.03
N ALA B 414 5.75 -4.22 32.13
CA ALA B 414 4.63 -3.68 32.88
C ALA B 414 3.35 -3.68 32.05
N GLY B 415 2.27 -3.17 32.64
CA GLY B 415 0.98 -3.09 31.97
C GLY B 415 0.92 -1.99 30.93
N PRO B 419 -2.69 1.87 28.34
CA PRO B 419 -3.15 1.88 26.94
C PRO B 419 -2.09 1.34 25.98
N MET B 420 -2.13 0.03 25.71
CA MET B 420 -1.05 -0.66 25.04
C MET B 420 -0.79 -0.19 23.61
N ALA B 421 -1.02 1.10 23.33
CA ALA B 421 -0.50 1.74 22.14
C ALA B 421 0.87 2.35 22.46
N THR B 422 1.56 1.73 23.41
CA THR B 422 2.88 2.16 23.83
C THR B 422 3.88 1.08 23.44
N PHE B 423 4.97 1.50 22.83
CA PHE B 423 5.82 0.48 22.24
C PHE B 423 6.87 0.01 23.25
N PRO B 424 7.10 -1.31 23.32
CA PRO B 424 8.08 -1.89 24.27
C PRO B 424 9.54 -1.82 23.83
N VAL B 425 10.15 -0.65 24.01
CA VAL B 425 11.57 -0.48 23.78
C VAL B 425 12.34 -1.31 24.80
N PRO B 426 13.23 -2.22 24.38
CA PRO B 426 13.79 -3.19 25.34
C PRO B 426 14.97 -2.69 26.17
N TYR B 427 15.55 -1.53 25.86
CA TYR B 427 16.68 -1.00 26.62
C TYR B 427 16.35 0.41 27.08
N ASP B 428 17.27 0.97 27.86
CA ASP B 428 17.00 2.18 28.62
C ASP B 428 17.21 3.44 27.79
N LEU B 429 16.35 4.43 27.99
CA LEU B 429 16.49 5.74 27.40
C LEU B 429 16.53 6.82 28.48
N PRO B 430 17.37 7.85 28.33
CA PRO B 430 18.27 8.03 27.19
C PRO B 430 19.50 7.12 27.25
N PRO B 431 20.14 6.85 26.13
CA PRO B 431 21.38 6.06 26.17
C PRO B 431 22.47 6.84 26.88
N GLU B 432 23.33 6.12 27.59
CA GLU B 432 24.40 6.72 28.37
C GLU B 432 25.72 6.65 27.60
N LEU B 433 26.36 7.81 27.43
CA LEU B 433 27.64 7.86 26.75
C LEU B 433 28.68 7.02 27.48
N TYR B 434 29.57 6.40 26.70
CA TYR B 434 30.79 5.80 27.24
C TYR B 434 31.48 6.78 28.18
N GLY B 435 31.98 6.28 29.31
CA GLY B 435 32.90 7.04 30.13
C GLY B 435 34.26 7.17 29.45
N SER B 436 35.10 8.05 30.01
CA SER B 436 36.37 8.33 29.35
C SER B 436 37.32 7.14 29.42
N LYS B 437 37.15 6.26 30.40
CA LYS B 437 37.94 5.04 30.50
C LYS B 437 37.33 3.87 29.76
N ASP B 438 36.13 4.02 29.19
CA ASP B 438 35.49 2.92 28.48
C ASP B 438 36.08 2.77 27.09
N ARG B 439 35.95 1.56 26.54
CA ARG B 439 36.34 1.26 25.18
C ARG B 439 35.30 0.31 24.60
N PRO B 440 35.10 0.33 23.28
CA PRO B 440 34.19 -0.64 22.68
C PRO B 440 34.75 -2.04 22.87
N TRP B 441 33.85 -3.01 23.03
CA TRP B 441 34.27 -4.40 22.98
C TRP B 441 34.92 -4.70 21.64
N ILE B 442 36.14 -5.22 21.67
CA ILE B 442 36.88 -5.67 20.48
C ILE B 442 37.26 -7.12 20.74
N TRP B 443 36.84 -8.02 19.85
CA TRP B 443 36.85 -9.42 20.27
C TRP B 443 38.18 -10.13 20.10
N ASN B 444 39.12 -9.58 19.32
CA ASN B 444 40.34 -10.32 19.04
C ASN B 444 41.58 -9.65 19.61
N ILE B 445 41.43 -8.95 20.73
CA ILE B 445 42.58 -8.56 21.55
C ILE B 445 42.34 -9.13 22.95
N PRO B 446 43.39 -9.27 23.75
CA PRO B 446 43.23 -9.89 25.06
C PRO B 446 42.77 -8.90 26.12
N TYR B 447 42.03 -9.43 27.10
CA TYR B 447 41.68 -8.66 28.29
C TYR B 447 42.11 -9.51 29.47
N VAL B 448 43.26 -9.14 30.03
CA VAL B 448 43.93 -9.93 31.05
C VAL B 448 44.10 -9.18 32.35
N LYS B 449 43.74 -7.90 32.40
CA LYS B 449 43.97 -7.06 33.57
C LYS B 449 42.75 -6.95 34.45
N ALA B 450 41.68 -7.72 34.22
CA ALA B 450 40.53 -7.78 35.12
C ALA B 450 39.69 -8.98 34.75
N PRO B 451 39.43 -9.86 35.70
CA PRO B 451 38.65 -11.06 35.41
C PRO B 451 37.18 -10.71 35.27
N ASP B 452 36.44 -11.60 34.59
CA ASP B 452 35.03 -11.37 34.30
C ASP B 452 34.18 -11.97 35.40
N THR B 453 32.86 -12.08 35.17
CA THR B 453 31.98 -12.54 36.23
C THR B 453 32.27 -13.97 36.66
N HIS B 454 32.96 -14.76 35.83
CA HIS B 454 33.27 -16.14 36.17
C HIS B 454 34.74 -16.31 36.56
N GLY B 455 35.44 -15.21 36.81
CA GLY B 455 36.83 -15.24 37.25
C GLY B 455 37.83 -15.52 36.15
N ASN B 456 37.44 -15.33 34.90
CA ASN B 456 38.27 -15.71 33.77
C ASN B 456 38.83 -14.49 33.05
N MET B 457 39.93 -14.70 32.36
N MET B 457 39.93 -14.70 32.36
CA MET B 457 40.47 -13.73 31.42
CA MET B 457 40.50 -13.76 31.42
C MET B 457 40.08 -14.11 30.00
C MET B 457 40.05 -14.10 30.00
N TRP B 458 40.32 -13.18 29.08
CA TRP B 458 39.96 -13.35 27.67
C TRP B 458 41.24 -13.29 26.83
N VAL B 459 41.60 -14.41 26.20
CA VAL B 459 42.80 -14.49 25.38
C VAL B 459 42.46 -15.21 24.09
N PRO B 460 42.16 -14.49 23.00
CA PRO B 460 41.86 -15.11 21.71
C PRO B 460 43.12 -15.42 20.90
#